data_3AEA
#
_entry.id   3AEA
#
_cell.length_a   71.505
_cell.length_b   83.751
_cell.length_c   294.959
_cell.angle_alpha   90.000
_cell.angle_beta   90.000
_cell.angle_gamma   90.000
#
_symmetry.space_group_name_H-M   'P 21 21 21'
#
loop_
_entity.id
_entity.type
_entity.pdbx_description
1 polymer 'Succinate dehydrogenase [ubiquinone] flavoprotein subunit, mitochondrial'
2 polymer 'Succinate dehydrogenase [ubiquinone] iron-sulfur subunit, mitochondrial'
3 polymer 'Succinate dehydrogenase cytochrome b560 subunit, mitochondrial'
4 polymer 'Succinate dehydrogenase [ubiquinone] cytochrome b small subunit, mitochondrial'
5 non-polymer 'FLAVIN-ADENINE DINUCLEOTIDE'
6 non-polymer 'MALONATE ION'
7 non-polymer 'FE2/S2 (INORGANIC) CLUSTER'
8 non-polymer 'IRON/SULFUR CLUSTER'
9 non-polymer 'FE3-S4 CLUSTER'
10 non-polymer 'PROTOPORPHYRIN IX CONTAINING FE'
11 non-polymer N-{3-[(dimethylamino)methyl]phenyl}-2-(trifluoromethyl)benzamide
12 non-polymer L-ALPHA-PHOSPHATIDYL-BETA-OLEOYL-GAMMA-PALMITOYL-PHOSPHATIDYLETHANOLAMINE
#
loop_
_entity_poly.entity_id
_entity_poly.type
_entity_poly.pdbx_seq_one_letter_code
_entity_poly.pdbx_strand_id
1 'polypeptide(L)'
;SSAKVSDAISTQYPVVDHEFDAVVVGAGGAGLRAAFGLSEAGFNTACVTKLFPTRSHTVAAQGGINAALGNMEEDNWRWH
FYDTVKGSDWLGDQDAIHYMTEQAPASVVELENYGMPFSRTEDGKIYQRAFGGQSLKFGKGGQAHRCCCVADRTGHSLLH
TLYGRSLRYDTSYFVEYFALDLLMENGECRGVIALCIEDGSIHRIRARNTVVATGGYGRTYFSCTSAHTSTGDGTAMVTR
AGLPCQDLEFVQFHPTGIYGAGCLITEGCRGEGGILINSQGERFMERYAPVAKDLASRDVVSRSMTLEIREGRGCGPEKD
HVYLQLHHLPPEQLAVRLPGISETAMIFAGVDVTKEPIPVLPTVHYNMGGIPTNYKGQVLRHVNGQDQVVPGLYACGEAA
CASVHGANRLGANSLLDLVVFGRACALSIAESCRPGDKVPSIKPNAGEESVMNLDKLRFANGTIRTSELRLSMQKSMQSH
AAVFRVGSVLQEGCEKILRLYGDLQHLKTFDRGMVWNTDLVETLELQNLMLCALQTIYGAEARKESRGAHAREDFKERVD
EYDYSKPIQGQQKKPFQEHWRKHTLSYVDVKTGKVSLEYRPVIDKTLNEADCATVPPAIRSY
;
A
2 'polypeptide(L)'
;AQTAAATAPRIKKFAIYRWDPDKTGDKPHMQTYEIDLNNCGPMVLDALIKIKNEIDSTLTFRRSCREGICGSCAMNINGG
NTLACTRRIDTNLDKVSKIYPLPHMYVIKDLVPDLSNFYAQYKSIEPYLKKKDESQEGKQQYLQSIEEREKLDGLYECIL
CACCSTSCPSYWWNGDKYLGPAVLMQAYRWMIDSRDDFTEERLAKLQDPFSLYRCHTIMNCTGTCPKGLNPGKAIAEIKK
MMATYKEKKASA
;
B
3 'polypeptide(L)'
;LGTTAKEEMERFWNKNLGSNRPLSPHITIYRWSLPMAMSICHRGTGIALSAGVSLFGLSALLLPGNFESHLELVKSLCLG
PTLIYTAKFGIVFPLMYHTWNGIRHLIWDLGKGLTIPQLTQSGVVVLILTVLSSVGLAAM
;
C
4 'polypeptide(L)'
;ASSKAASLHWTGERVVSVLLLGLLPAAYLNPCSAMDYSLAAALTLHGHWGIGQVVTDYVRGDALQKAAKAGLLALSAFTF
AGLCYFNYHDVGICKAVAMLWKL
;
D
#
# COMPACT_ATOMS: atom_id res chain seq x y z
N SER A 10 -3.88 -27.95 -21.42
CA SER A 10 -4.24 -28.72 -22.65
C SER A 10 -3.12 -28.87 -23.68
N THR A 11 -1.96 -29.35 -23.22
CA THR A 11 -0.76 -29.49 -24.02
C THR A 11 -0.12 -28.19 -24.47
N GLN A 12 -0.69 -27.09 -23.98
CA GLN A 12 -0.23 -25.71 -24.23
C GLN A 12 0.18 -25.23 -22.87
N TYR A 13 -0.54 -25.67 -21.85
CA TYR A 13 -0.35 -25.19 -20.49
C TYR A 13 0.30 -26.23 -19.57
N PRO A 14 1.47 -25.90 -19.00
CA PRO A 14 2.10 -26.76 -18.01
C PRO A 14 1.40 -26.67 -16.65
N VAL A 15 0.98 -27.81 -16.12
CA VAL A 15 0.34 -27.87 -14.81
C VAL A 15 1.31 -28.34 -13.73
N VAL A 16 1.51 -27.48 -12.72
CA VAL A 16 2.38 -27.81 -11.59
C VAL A 16 1.53 -27.90 -10.32
N ASP A 17 1.34 -29.12 -9.84
CA ASP A 17 0.50 -29.39 -8.68
C ASP A 17 1.24 -29.14 -7.36
N HIS A 18 0.58 -28.45 -6.44
CA HIS A 18 1.13 -28.16 -5.13
C HIS A 18 0.34 -28.88 -4.04
N GLU A 19 1.03 -29.34 -3.01
CA GLU A 19 0.39 -30.07 -1.92
C GLU A 19 0.56 -29.38 -0.56
N PHE A 20 -0.54 -28.88 -0.01
CA PHE A 20 -0.55 -28.18 1.27
C PHE A 20 -1.62 -28.72 2.23
N ASP A 21 -1.57 -28.29 3.48
CA ASP A 21 -2.59 -28.63 4.46
C ASP A 21 -3.81 -27.73 4.33
N ALA A 22 -3.56 -26.45 4.05
CA ALA A 22 -4.62 -25.45 3.94
C ALA A 22 -4.25 -24.36 2.95
N VAL A 23 -5.24 -23.94 2.16
CA VAL A 23 -5.06 -22.86 1.20
C VAL A 23 -6.02 -21.72 1.52
N VAL A 24 -5.46 -20.54 1.76
CA VAL A 24 -6.26 -19.34 1.96
C VAL A 24 -6.18 -18.49 0.69
N VAL A 25 -7.33 -18.30 0.05
CA VAL A 25 -7.41 -17.49 -1.16
C VAL A 25 -7.81 -16.06 -0.76
N GLY A 26 -6.81 -15.19 -0.71
CA GLY A 26 -7.02 -13.80 -0.30
C GLY A 26 -5.94 -13.31 0.63
N ALA A 27 -5.51 -12.07 0.43
CA ALA A 27 -4.47 -11.47 1.26
C ALA A 27 -4.90 -10.13 1.86
N GLY A 28 -6.20 -9.99 2.12
CA GLY A 28 -6.72 -8.82 2.80
C GLY A 28 -6.53 -8.94 4.28
N GLY A 29 -7.46 -8.38 5.06
CA GLY A 29 -7.44 -8.52 6.50
C GLY A 29 -7.77 -9.96 6.89
N ALA A 30 -8.98 -10.38 6.52
CA ALA A 30 -9.44 -11.75 6.76
C ALA A 30 -8.48 -12.76 6.15
N GLY A 31 -8.08 -12.52 4.90
CA GLY A 31 -7.16 -13.39 4.18
C GLY A 31 -5.86 -13.65 4.91
N LEU A 32 -5.23 -12.58 5.39
CA LEU A 32 -3.97 -12.67 6.12
C LEU A 32 -4.12 -13.32 7.50
N ARG A 33 -5.08 -12.83 8.29
CA ARG A 33 -5.32 -13.35 9.64
C ARG A 33 -5.56 -14.85 9.64
N ALA A 34 -6.35 -15.32 8.67
CA ALA A 34 -6.60 -16.73 8.48
C ALA A 34 -5.34 -17.48 8.05
N ALA A 35 -4.55 -16.85 7.19
CA ALA A 35 -3.34 -17.45 6.64
C ALA A 35 -2.32 -17.83 7.73
N PHE A 36 -1.76 -16.82 8.39
CA PHE A 36 -0.71 -17.06 9.38
C PHE A 36 -1.25 -17.71 10.67
N GLY A 37 -2.53 -17.51 10.94
CA GLY A 37 -3.21 -18.15 12.07
C GLY A 37 -3.13 -19.67 11.98
N LEU A 38 -3.19 -20.18 10.76
CA LEU A 38 -3.05 -21.60 10.48
C LEU A 38 -1.60 -22.07 10.63
N SER A 39 -0.67 -21.23 10.15
CA SER A 39 0.76 -21.50 10.28
C SER A 39 1.17 -21.50 11.75
N GLU A 40 0.62 -20.57 12.52
CA GLU A 40 0.83 -20.46 13.96
C GLU A 40 0.27 -21.69 14.69
N ALA A 41 -0.84 -22.21 14.19
CA ALA A 41 -1.47 -23.42 14.73
C ALA A 41 -0.67 -24.67 14.39
N GLY A 42 0.24 -24.54 13.41
CA GLY A 42 1.15 -25.62 13.03
C GLY A 42 0.94 -26.16 11.63
N PHE A 43 0.02 -25.55 10.88
CA PHE A 43 -0.36 -26.03 9.55
C PHE A 43 0.57 -25.55 8.45
N ASN A 44 0.86 -26.44 7.51
CA ASN A 44 1.56 -26.09 6.27
C ASN A 44 0.59 -25.32 5.38
N THR A 45 0.71 -23.99 5.41
CA THR A 45 -0.29 -23.13 4.80
C THR A 45 0.22 -22.41 3.55
N ALA A 46 -0.61 -22.39 2.51
CA ALA A 46 -0.34 -21.60 1.31
C ALA A 46 -1.34 -20.44 1.24
N CYS A 47 -0.89 -19.29 0.73
CA CYS A 47 -1.75 -18.12 0.57
C CYS A 47 -1.75 -17.60 -0.86
N VAL A 48 -2.87 -17.80 -1.54
CA VAL A 48 -3.01 -17.43 -2.95
C VAL A 48 -3.66 -16.04 -3.07
N THR A 49 -2.94 -15.13 -3.72
CA THR A 49 -3.42 -13.76 -3.90
C THR A 49 -3.01 -13.18 -5.25
N LYS A 50 -3.94 -12.46 -5.90
CA LYS A 50 -3.69 -11.87 -7.20
C LYS A 50 -2.97 -10.52 -7.11
N LEU A 51 -3.04 -9.91 -5.93
CA LEU A 51 -2.31 -8.69 -5.63
C LEU A 51 -1.21 -8.99 -4.63
N PHE A 52 -0.30 -8.04 -4.43
CA PHE A 52 0.60 -8.09 -3.29
C PHE A 52 -0.24 -7.78 -2.03
N PRO A 53 -0.03 -8.55 -0.94
CA PRO A 53 -0.83 -8.43 0.28
C PRO A 53 -1.12 -7.02 0.77
N THR A 54 -0.19 -6.09 0.59
CA THR A 54 -0.38 -4.70 1.02
C THR A 54 -1.35 -3.91 0.13
N ARG A 55 -1.44 -4.30 -1.14
CA ARG A 55 -2.32 -3.62 -2.10
C ARG A 55 -3.78 -4.01 -1.92
N SER A 56 -4.04 -5.04 -1.10
CA SER A 56 -5.40 -5.50 -0.80
C SER A 56 -6.27 -4.34 -0.35
N HIS A 57 -7.52 -4.27 -0.74
CA HIS A 57 -8.29 -3.08 -0.40
C HIS A 57 -8.11 -2.60 1.03
N THR A 58 -7.94 -3.55 1.90
CA THR A 58 -8.26 -3.37 3.30
C THR A 58 -7.41 -2.11 3.58
N VAL A 59 -6.35 -1.93 2.79
CA VAL A 59 -5.45 -0.79 2.91
C VAL A 59 -6.18 0.56 2.81
N ALA A 60 -7.23 0.59 1.98
CA ALA A 60 -7.98 1.82 1.72
C ALA A 60 -8.92 2.19 2.88
N ALA A 61 -9.00 1.32 3.89
CA ALA A 61 -9.88 1.53 5.03
C ALA A 61 -9.43 2.69 5.92
N GLN A 62 -10.39 3.53 6.30
CA GLN A 62 -10.11 4.81 6.93
C GLN A 62 -10.76 5.02 8.29
N GLY A 63 -11.98 4.51 8.46
CA GLY A 63 -12.79 4.73 9.65
C GLY A 63 -12.19 4.19 10.94
N GLY A 64 -12.38 2.89 11.17
CA GLY A 64 -11.83 2.26 12.35
C GLY A 64 -12.29 0.83 12.55
N ILE A 65 -11.95 0.28 13.70
CA ILE A 65 -12.28 -1.10 14.04
C ILE A 65 -12.99 -1.14 15.40
N ASN A 66 -14.19 -1.73 15.43
CA ASN A 66 -15.04 -1.70 16.63
C ASN A 66 -14.69 -2.72 17.70
N ALA A 67 -14.53 -2.25 18.93
CA ALA A 67 -14.29 -3.10 20.08
C ALA A 67 -14.81 -2.42 21.34
N ALA A 68 -15.45 -3.20 22.21
CA ALA A 68 -15.99 -2.67 23.45
C ALA A 68 -14.95 -2.74 24.58
N LEU A 69 -13.78 -2.16 24.32
CA LEU A 69 -12.69 -2.12 25.30
C LEU A 69 -13.01 -1.18 26.44
N GLY A 70 -13.86 -0.19 26.17
CA GLY A 70 -14.28 0.78 27.17
C GLY A 70 -13.16 1.71 27.56
N ASN A 71 -12.59 2.39 26.57
CA ASN A 71 -11.46 3.29 26.80
C ASN A 71 -11.86 4.76 26.91
N MET A 72 -13.04 5.10 26.38
CA MET A 72 -13.57 6.46 26.50
C MET A 72 -14.50 6.55 27.71
N GLU A 73 -15.57 5.78 27.67
CA GLU A 73 -16.47 5.58 28.82
C GLU A 73 -16.42 4.10 29.22
N GLU A 74 -17.28 3.69 30.14
CA GLU A 74 -17.41 2.26 30.45
C GLU A 74 -18.41 1.60 29.49
N ASP A 75 -17.95 0.53 28.83
CA ASP A 75 -18.70 -0.10 27.75
C ASP A 75 -18.91 -1.59 27.99
N ASN A 76 -19.95 -2.14 27.37
CA ASN A 76 -20.24 -3.57 27.39
C ASN A 76 -20.37 -4.09 25.95
N TRP A 77 -19.80 -5.26 25.68
CA TRP A 77 -19.86 -5.84 24.33
C TRP A 77 -21.26 -6.29 23.94
N ARG A 78 -22.11 -6.49 24.94
CA ARG A 78 -23.51 -6.84 24.72
C ARG A 78 -24.30 -5.66 24.16
N TRP A 79 -23.85 -4.45 24.47
CA TRP A 79 -24.44 -3.24 23.90
C TRP A 79 -24.04 -3.09 22.44
N HIS A 80 -22.83 -3.57 22.12
CA HIS A 80 -22.34 -3.60 20.75
C HIS A 80 -23.06 -4.69 19.96
N PHE A 81 -23.42 -5.77 20.65
CA PHE A 81 -24.24 -6.84 20.07
C PHE A 81 -25.58 -6.28 19.59
N TYR A 82 -26.24 -5.52 20.46
CA TYR A 82 -27.54 -4.93 20.16
C TYR A 82 -27.48 -3.98 18.96
N ASP A 83 -26.43 -3.16 18.89
CA ASP A 83 -26.29 -2.16 17.84
C ASP A 83 -26.11 -2.81 16.46
N THR A 84 -25.40 -3.94 16.43
CA THR A 84 -25.14 -4.66 15.19
C THR A 84 -26.40 -5.35 14.66
N VAL A 85 -27.13 -6.02 15.54
CA VAL A 85 -28.37 -6.72 15.15
C VAL A 85 -29.49 -5.72 14.80
N LYS A 86 -29.56 -4.61 15.54
CA LYS A 86 -30.53 -3.54 15.23
C LYS A 86 -30.21 -2.95 13.87
N GLY A 87 -28.92 -2.82 13.57
CA GLY A 87 -28.46 -2.32 12.28
C GLY A 87 -28.67 -3.32 11.15
N SER A 88 -28.68 -4.61 11.50
CA SER A 88 -28.84 -5.67 10.49
C SER A 88 -30.30 -5.85 10.07
N ASP A 89 -31.17 -5.00 10.61
CA ASP A 89 -32.62 -5.02 10.35
C ASP A 89 -33.25 -6.39 10.59
N TRP A 90 -32.66 -7.12 11.54
CA TRP A 90 -33.06 -8.49 11.92
C TRP A 90 -33.00 -9.51 10.78
N LEU A 91 -32.05 -9.31 9.88
CA LEU A 91 -31.66 -10.32 8.91
C LEU A 91 -30.29 -10.89 9.33
N GLY A 92 -29.66 -10.24 10.31
CA GLY A 92 -28.39 -10.69 10.85
C GLY A 92 -28.54 -11.92 11.71
N ASP A 93 -27.68 -12.91 11.47
CA ASP A 93 -27.65 -14.15 12.25
C ASP A 93 -26.97 -13.91 13.59
N GLN A 94 -27.78 -13.99 14.66
CA GLN A 94 -27.34 -13.58 16.00
C GLN A 94 -26.32 -14.51 16.66
N ASP A 95 -26.16 -15.72 16.13
CA ASP A 95 -25.11 -16.62 16.60
C ASP A 95 -23.74 -16.10 16.18
N ALA A 96 -23.67 -15.53 14.99
CA ALA A 96 -22.45 -14.98 14.43
C ALA A 96 -22.12 -13.60 15.02
N ILE A 97 -23.15 -12.80 15.24
CA ILE A 97 -23.00 -11.47 15.85
C ILE A 97 -22.52 -11.57 17.29
N HIS A 98 -23.05 -12.56 18.02
CA HIS A 98 -22.60 -12.86 19.37
C HIS A 98 -21.10 -13.13 19.38
N TYR A 99 -20.68 -14.12 18.59
CA TYR A 99 -19.28 -14.55 18.52
C TYR A 99 -18.33 -13.41 18.22
N MET A 100 -18.74 -12.52 17.31
CA MET A 100 -17.91 -11.41 16.88
C MET A 100 -17.79 -10.33 17.95
N THR A 101 -18.92 -9.93 18.53
CA THR A 101 -18.97 -8.87 19.52
C THR A 101 -18.26 -9.23 20.82
N GLU A 102 -18.29 -10.51 21.18
CA GLU A 102 -17.56 -11.02 22.35
C GLU A 102 -16.06 -11.07 22.09
N GLN A 103 -15.70 -11.40 20.84
CA GLN A 103 -14.30 -11.50 20.45
C GLN A 103 -13.72 -10.12 20.10
N ALA A 104 -14.60 -9.12 19.98
CA ALA A 104 -14.21 -7.78 19.59
C ALA A 104 -13.04 -7.21 20.41
N PRO A 105 -13.15 -7.19 21.76
CA PRO A 105 -12.05 -6.64 22.56
C PRO A 105 -10.79 -7.50 22.50
N ALA A 106 -10.98 -8.82 22.47
CA ALA A 106 -9.87 -9.77 22.45
C ALA A 106 -9.07 -9.72 21.15
N SER A 107 -9.77 -9.52 20.03
CA SER A 107 -9.13 -9.50 18.70
C SER A 107 -8.37 -8.21 18.41
N VAL A 108 -8.84 -7.09 18.97
CA VAL A 108 -8.17 -5.80 18.82
C VAL A 108 -6.88 -5.77 19.64
N VAL A 109 -6.99 -6.11 20.92
CA VAL A 109 -5.84 -6.25 21.81
C VAL A 109 -4.76 -7.10 21.11
N GLU A 110 -5.21 -8.14 20.41
CA GLU A 110 -4.34 -9.02 19.65
C GLU A 110 -3.55 -8.27 18.57
N LEU A 111 -4.21 -7.35 17.87
CA LEU A 111 -3.59 -6.57 16.79
C LEU A 111 -2.61 -5.54 17.33
N GLU A 112 -3.01 -4.86 18.40
CA GLU A 112 -2.16 -3.87 19.04
C GLU A 112 -0.89 -4.53 19.56
N ASN A 113 -1.03 -5.76 20.03
CA ASN A 113 0.12 -6.54 20.48
C ASN A 113 0.99 -7.04 19.34
N TYR A 114 0.40 -7.16 18.14
CA TYR A 114 1.15 -7.50 16.94
C TYR A 114 2.02 -6.34 16.47
N GLY A 115 1.62 -5.12 16.83
CA GLY A 115 2.39 -3.92 16.55
C GLY A 115 1.63 -2.81 15.85
N MET A 116 0.31 -2.90 15.86
CA MET A 116 -0.54 -1.90 15.21
C MET A 116 -0.49 -0.58 15.98
N PRO A 117 -0.11 0.51 15.30
CA PRO A 117 0.12 1.79 15.95
C PRO A 117 -1.15 2.63 16.15
N PHE A 118 -2.09 2.11 16.93
CA PHE A 118 -3.34 2.81 17.25
C PHE A 118 -3.07 4.19 17.87
N SER A 119 -3.94 5.15 17.56
CA SER A 119 -3.91 6.47 18.19
C SER A 119 -4.16 6.30 19.68
N ARG A 120 -3.58 7.20 20.49
CA ARG A 120 -3.60 7.02 21.95
C ARG A 120 -4.42 8.06 22.72
N THR A 121 -4.71 7.75 23.97
CA THR A 121 -5.54 8.60 24.83
C THR A 121 -4.69 9.35 25.87
N GLU A 122 -5.39 10.02 26.78
CA GLU A 122 -4.75 10.66 27.93
C GLU A 122 -4.16 9.60 28.86
N ASP A 123 -4.86 8.47 28.97
CA ASP A 123 -4.43 7.34 29.79
C ASP A 123 -3.32 6.54 29.11
N GLY A 124 -3.33 6.49 27.79
CA GLY A 124 -2.34 5.75 27.01
C GLY A 124 -2.91 4.54 26.30
N LYS A 125 -4.21 4.32 26.45
CA LYS A 125 -4.91 3.19 25.84
C LYS A 125 -5.31 3.49 24.40
N ILE A 126 -5.94 2.51 23.74
CA ILE A 126 -6.36 2.67 22.34
C ILE A 126 -7.51 3.67 22.20
N TYR A 127 -7.29 4.69 21.38
CA TYR A 127 -8.28 5.73 21.12
C TYR A 127 -9.50 5.19 20.38
N GLN A 128 -10.66 5.30 21.03
CA GLN A 128 -11.95 4.98 20.43
C GLN A 128 -12.70 6.26 20.10
N ARG A 129 -13.60 6.20 19.13
CA ARG A 129 -14.44 7.36 18.80
C ARG A 129 -15.82 6.97 18.28
N ALA A 130 -16.76 7.92 18.37
CA ALA A 130 -18.15 7.70 17.96
C ALA A 130 -18.28 7.34 16.48
N PHE A 131 -19.30 6.56 16.16
CA PHE A 131 -19.54 6.12 14.78
C PHE A 131 -21.03 5.88 14.54
N GLY A 132 -21.39 5.75 13.26
CA GLY A 132 -22.79 5.65 12.85
C GLY A 132 -23.55 4.42 13.33
N GLY A 133 -24.60 4.65 14.11
CA GLY A 133 -25.52 3.60 14.55
C GLY A 133 -25.16 2.89 15.84
N GLN A 134 -24.21 3.46 16.58
CA GLN A 134 -23.73 2.83 17.81
C GLN A 134 -24.21 3.56 19.06
N SER A 135 -24.74 2.80 20.02
CA SER A 135 -25.39 3.35 21.20
C SER A 135 -25.13 2.52 22.46
N LEU A 136 -24.98 3.21 23.59
CA LEU A 136 -24.78 2.56 24.88
C LEU A 136 -26.10 2.06 25.45
N LYS A 137 -26.00 1.19 26.45
CA LYS A 137 -27.16 0.67 27.20
C LYS A 137 -28.33 0.22 26.31
N PHE A 138 -28.01 -0.55 25.28
CA PHE A 138 -28.99 -1.12 24.34
C PHE A 138 -29.86 -0.05 23.66
N GLY A 139 -29.24 1.05 23.23
CA GLY A 139 -29.96 2.12 22.53
C GLY A 139 -30.49 3.23 23.42
N LYS A 140 -30.51 2.99 24.72
CA LYS A 140 -31.07 3.94 25.70
C LYS A 140 -30.06 4.98 26.15
N GLY A 141 -28.81 4.56 26.35
CA GLY A 141 -27.77 5.40 26.92
C GLY A 141 -27.11 6.43 26.02
N GLY A 142 -27.75 6.71 24.89
CA GLY A 142 -27.27 7.76 23.97
C GLY A 142 -26.12 7.35 23.07
N GLN A 143 -25.14 8.25 22.94
CA GLN A 143 -24.00 8.07 22.05
C GLN A 143 -22.96 7.09 22.61
N ALA A 144 -22.36 6.30 21.73
CA ALA A 144 -21.32 5.33 22.13
C ALA A 144 -19.99 5.57 21.40
N HIS A 145 -18.90 5.43 22.15
CA HIS A 145 -17.55 5.65 21.64
C HIS A 145 -16.73 4.36 21.74
N ARG A 146 -16.73 3.55 20.68
CA ARG A 146 -16.02 2.26 20.70
C ARG A 146 -15.24 1.92 19.42
N CYS A 147 -15.12 2.91 18.53
CA CYS A 147 -14.42 2.70 17.26
C CYS A 147 -12.92 2.98 17.39
N CYS A 148 -12.14 1.91 17.51
CA CYS A 148 -10.68 1.99 17.61
C CYS A 148 -10.06 2.33 16.26
N CYS A 149 -9.19 3.34 16.24
CA CYS A 149 -8.61 3.82 14.97
C CYS A 149 -7.15 4.21 15.05
N VAL A 150 -6.42 3.95 13.97
CA VAL A 150 -5.07 4.46 13.76
C VAL A 150 -5.11 5.75 12.93
N ALA A 151 -5.43 6.86 13.61
CA ALA A 151 -5.66 8.14 12.95
C ALA A 151 -6.70 7.81 11.87
N ASP A 152 -6.54 8.39 10.69
CA ASP A 152 -7.41 8.08 9.55
C ASP A 152 -6.99 6.95 8.63
N ARG A 153 -5.82 6.36 8.90
CA ARG A 153 -5.28 5.29 8.07
C ARG A 153 -5.29 3.96 8.83
N THR A 154 -6.46 3.61 9.36
CA THR A 154 -6.60 2.45 10.24
C THR A 154 -6.55 1.11 9.50
N GLY A 155 -7.16 1.05 8.32
CA GLY A 155 -7.15 -0.16 7.51
C GLY A 155 -5.78 -0.42 6.91
N HIS A 156 -5.11 0.66 6.54
CA HIS A 156 -3.73 0.63 6.05
C HIS A 156 -2.81 0.01 7.10
N SER A 157 -2.90 0.50 8.33
CA SER A 157 -2.09 0.01 9.44
C SER A 157 -2.46 -1.41 9.85
N LEU A 158 -3.75 -1.73 9.79
CA LEU A 158 -4.22 -3.08 10.07
C LEU A 158 -3.57 -4.08 9.13
N LEU A 159 -3.66 -3.79 7.84
CA LEU A 159 -3.15 -4.67 6.80
C LEU A 159 -1.63 -4.83 6.91
N HIS A 160 -0.94 -3.72 7.19
CA HIS A 160 0.52 -3.73 7.27
C HIS A 160 1.07 -4.51 8.47
N THR A 161 0.41 -4.37 9.61
CA THR A 161 0.85 -5.09 10.81
C THR A 161 0.40 -6.54 10.80
N LEU A 162 -0.71 -6.83 10.11
CA LEU A 162 -1.13 -8.22 9.88
C LEU A 162 -0.20 -8.90 8.89
N TYR A 163 0.21 -8.17 7.86
CA TYR A 163 1.17 -8.70 6.90
C TYR A 163 2.53 -8.84 7.57
N GLY A 164 2.96 -7.79 8.26
CA GLY A 164 4.24 -7.78 8.95
C GLY A 164 4.41 -8.98 9.86
N ARG A 165 3.35 -9.29 10.61
CA ARG A 165 3.35 -10.38 11.56
C ARG A 165 3.36 -11.75 10.86
N SER A 166 2.85 -11.79 9.64
CA SER A 166 2.76 -13.03 8.87
C SER A 166 4.10 -13.48 8.28
N LEU A 167 5.11 -12.62 8.37
CA LEU A 167 6.47 -12.98 7.94
C LEU A 167 7.18 -13.83 8.98
N ARG A 168 6.66 -13.81 10.21
CA ARG A 168 7.23 -14.56 11.32
C ARG A 168 6.97 -16.07 11.17
N TYR A 169 6.04 -16.41 10.29
CA TYR A 169 5.65 -17.80 10.06
C TYR A 169 5.96 -18.28 8.65
N ASP A 170 6.06 -19.60 8.48
CA ASP A 170 6.41 -20.20 7.20
C ASP A 170 5.19 -20.45 6.31
N THR A 171 4.54 -19.37 5.89
CA THR A 171 3.39 -19.43 4.99
C THR A 171 3.87 -19.25 3.55
N SER A 172 3.49 -20.18 2.69
CA SER A 172 3.88 -20.10 1.27
C SER A 172 2.99 -19.12 0.50
N TYR A 173 3.51 -17.92 0.28
CA TYR A 173 2.76 -16.88 -0.42
C TYR A 173 2.88 -17.01 -1.93
N PHE A 174 1.72 -17.21 -2.57
CA PHE A 174 1.65 -17.21 -4.03
C PHE A 174 1.24 -15.81 -4.48
N VAL A 175 2.23 -14.92 -4.54
CA VAL A 175 2.01 -13.50 -4.84
C VAL A 175 1.71 -13.30 -6.32
N GLU A 176 0.65 -12.53 -6.59
CA GLU A 176 0.14 -12.29 -7.93
C GLU A 176 -0.18 -13.59 -8.67
N TYR A 177 -1.09 -14.35 -8.06
CA TYR A 177 -1.64 -15.58 -8.62
C TYR A 177 -3.14 -15.45 -8.64
N PHE A 178 -3.72 -15.30 -9.84
CA PHE A 178 -5.16 -15.19 -10.00
C PHE A 178 -5.81 -16.57 -9.86
N ALA A 179 -6.57 -16.74 -8.78
CA ALA A 179 -7.29 -17.99 -8.54
C ALA A 179 -8.51 -18.05 -9.46
N LEU A 180 -8.56 -19.12 -10.26
CA LEU A 180 -9.58 -19.28 -11.29
C LEU A 180 -10.84 -19.94 -10.74
N ASP A 181 -10.72 -21.19 -10.28
CA ASP A 181 -11.85 -21.96 -9.78
C ASP A 181 -11.48 -22.83 -8.58
N LEU A 182 -12.50 -23.26 -7.84
CA LEU A 182 -12.33 -24.20 -6.74
C LEU A 182 -12.17 -25.61 -7.28
N LEU A 183 -11.15 -26.33 -6.80
CA LEU A 183 -11.01 -27.75 -7.10
C LEU A 183 -12.01 -28.54 -6.27
N MET A 184 -13.05 -29.02 -6.93
CA MET A 184 -14.15 -29.68 -6.24
C MET A 184 -14.31 -31.12 -6.73
N GLU A 185 -14.63 -32.02 -5.79
CA GLU A 185 -14.89 -33.41 -6.13
C GLU A 185 -15.94 -34.02 -5.20
N ASN A 186 -17.08 -34.37 -5.79
CA ASN A 186 -18.22 -34.96 -5.08
C ASN A 186 -18.61 -34.19 -3.81
N GLY A 187 -18.82 -32.88 -3.96
CA GLY A 187 -19.23 -32.03 -2.85
C GLY A 187 -18.08 -31.50 -2.01
N GLU A 188 -17.13 -32.38 -1.69
CA GLU A 188 -15.96 -32.04 -0.89
C GLU A 188 -14.98 -31.18 -1.68
N CYS A 189 -14.42 -30.17 -1.02
CA CYS A 189 -13.46 -29.27 -1.67
C CYS A 189 -12.03 -29.77 -1.52
N ARG A 190 -11.27 -29.65 -2.61
CA ARG A 190 -9.92 -30.20 -2.68
C ARG A 190 -8.85 -29.12 -2.78
N GLY A 191 -9.27 -27.89 -3.08
CA GLY A 191 -8.35 -26.76 -3.19
C GLY A 191 -8.74 -25.78 -4.28
N VAL A 192 -7.72 -25.20 -4.93
CA VAL A 192 -7.92 -24.23 -6.00
C VAL A 192 -6.96 -24.41 -7.16
N ILE A 193 -7.47 -24.16 -8.36
CA ILE A 193 -6.65 -24.08 -9.56
C ILE A 193 -6.43 -22.60 -9.88
N ALA A 194 -5.17 -22.21 -10.11
CA ALA A 194 -4.83 -20.81 -10.26
C ALA A 194 -3.89 -20.53 -11.43
N LEU A 195 -4.06 -19.36 -12.03
CA LEU A 195 -3.13 -18.86 -13.04
C LEU A 195 -2.03 -18.06 -12.38
N CYS A 196 -0.79 -18.37 -12.76
CA CYS A 196 0.35 -17.55 -12.38
C CYS A 196 0.47 -16.42 -13.39
N ILE A 197 0.38 -15.18 -12.91
CA ILE A 197 0.42 -14.02 -13.79
C ILE A 197 1.82 -13.81 -14.39
N GLU A 198 2.86 -14.15 -13.62
CA GLU A 198 4.25 -13.92 -14.03
C GLU A 198 4.66 -14.66 -15.30
N ASP A 199 4.44 -15.98 -15.35
CA ASP A 199 4.86 -16.78 -16.51
C ASP A 199 3.71 -17.43 -17.28
N GLY A 200 2.48 -17.14 -16.86
CA GLY A 200 1.29 -17.65 -17.54
C GLY A 200 0.96 -19.10 -17.26
N SER A 201 1.73 -19.74 -16.39
CA SER A 201 1.54 -21.15 -16.06
C SER A 201 0.33 -21.38 -15.16
N ILE A 202 -0.09 -22.64 -15.05
CA ILE A 202 -1.27 -23.01 -14.28
C ILE A 202 -0.91 -23.97 -13.15
N HIS A 203 -1.40 -23.68 -11.94
CA HIS A 203 -1.03 -24.44 -10.75
C HIS A 203 -2.24 -24.97 -9.99
N ARG A 204 -2.26 -26.28 -9.79
CA ARG A 204 -3.33 -26.94 -9.05
C ARG A 204 -2.92 -27.14 -7.58
N ILE A 205 -3.20 -26.13 -6.77
CA ILE A 205 -2.85 -26.14 -5.35
C ILE A 205 -3.94 -26.86 -4.57
N ARG A 206 -3.63 -28.07 -4.11
CA ARG A 206 -4.60 -28.88 -3.36
C ARG A 206 -4.30 -28.94 -1.86
N ALA A 207 -5.37 -28.96 -1.07
CA ALA A 207 -5.27 -28.98 0.38
C ALA A 207 -6.49 -29.69 1.00
N ARG A 208 -6.49 -29.79 2.33
CA ARG A 208 -7.60 -30.40 3.06
C ARG A 208 -8.73 -29.38 3.23
N ASN A 209 -8.37 -28.17 3.63
CA ASN A 209 -9.33 -27.09 3.83
C ASN A 209 -8.98 -25.86 3.02
N THR A 210 -10.01 -25.21 2.48
CA THR A 210 -9.84 -24.05 1.62
C THR A 210 -10.56 -22.85 2.23
N VAL A 211 -9.85 -21.73 2.38
CA VAL A 211 -10.44 -20.52 2.94
C VAL A 211 -10.55 -19.43 1.89
N VAL A 212 -11.78 -19.07 1.54
CA VAL A 212 -12.03 -18.03 0.54
C VAL A 212 -12.26 -16.68 1.23
N ALA A 213 -11.34 -15.74 0.98
CA ALA A 213 -11.42 -14.40 1.56
C ALA A 213 -11.04 -13.35 0.51
N THR A 214 -11.90 -13.21 -0.50
CA THR A 214 -11.57 -12.44 -1.71
C THR A 214 -12.26 -11.09 -1.79
N GLY A 215 -12.90 -10.68 -0.69
CA GLY A 215 -13.55 -9.36 -0.63
C GLY A 215 -14.74 -9.15 -1.54
N GLY A 216 -15.24 -7.92 -1.55
CA GLY A 216 -16.48 -7.58 -2.25
C GLY A 216 -16.40 -7.51 -3.76
N TYR A 217 -17.55 -7.26 -4.37
CA TYR A 217 -17.68 -7.14 -5.82
C TYR A 217 -18.23 -5.76 -6.21
N GLY A 218 -17.59 -4.73 -5.67
CA GLY A 218 -18.01 -3.34 -5.90
C GLY A 218 -17.94 -2.87 -7.34
N ARG A 219 -17.06 -3.48 -8.13
CA ARG A 219 -16.86 -3.09 -9.53
C ARG A 219 -18.00 -3.53 -10.48
N THR A 220 -19.07 -4.08 -9.90
CA THR A 220 -20.28 -4.41 -10.64
C THR A 220 -21.04 -3.14 -11.03
N TYR A 221 -20.80 -2.07 -10.29
CA TYR A 221 -21.44 -0.78 -10.52
C TYR A 221 -20.47 0.22 -11.15
N PHE A 222 -21.02 1.30 -11.72
CA PHE A 222 -20.19 2.34 -12.35
C PHE A 222 -19.46 3.18 -11.30
N SER A 223 -20.17 3.55 -10.23
CA SER A 223 -19.59 4.37 -9.17
C SER A 223 -19.51 3.59 -7.85
N CYS A 224 -18.28 3.25 -7.48
CA CYS A 224 -18.02 2.54 -6.23
C CYS A 224 -16.79 3.11 -5.52
N THR A 225 -16.76 2.97 -4.19
CA THR A 225 -15.63 3.41 -3.39
C THR A 225 -14.50 2.37 -3.43
N SER A 226 -14.86 1.14 -3.74
CA SER A 226 -13.92 0.02 -3.77
C SER A 226 -12.91 0.09 -4.91
N ALA A 227 -11.83 -0.67 -4.77
CA ALA A 227 -10.72 -0.68 -5.74
C ALA A 227 -11.10 -1.36 -7.05
N HIS A 228 -10.27 -1.19 -8.07
CA HIS A 228 -10.47 -1.81 -9.39
C HIS A 228 -10.43 -3.34 -9.31
N THR A 229 -9.79 -3.84 -8.27
CA THR A 229 -9.61 -5.29 -8.07
C THR A 229 -10.67 -5.92 -7.14
N SER A 230 -11.70 -5.14 -6.82
CA SER A 230 -12.84 -5.64 -6.04
C SER A 230 -13.87 -6.21 -7.01
N THR A 231 -13.62 -7.44 -7.45
CA THR A 231 -14.42 -8.05 -8.53
C THR A 231 -15.12 -9.36 -8.13
N GLY A 232 -15.31 -9.57 -6.82
CA GLY A 232 -16.01 -10.74 -6.30
C GLY A 232 -15.63 -12.03 -6.99
N ASP A 233 -14.35 -12.36 -6.93
CA ASP A 233 -13.80 -13.51 -7.63
C ASP A 233 -14.12 -14.82 -6.92
N GLY A 234 -14.02 -14.83 -5.59
CA GLY A 234 -14.36 -16.01 -4.80
C GLY A 234 -15.83 -16.34 -4.86
N THR A 235 -16.65 -15.29 -4.93
CA THR A 235 -18.11 -15.42 -5.09
C THR A 235 -18.42 -16.24 -6.34
N ALA A 236 -17.77 -15.88 -7.45
CA ALA A 236 -17.96 -16.57 -8.72
C ALA A 236 -17.50 -18.03 -8.66
N MET A 237 -16.36 -18.28 -8.02
CA MET A 237 -15.81 -19.63 -7.88
C MET A 237 -16.79 -20.56 -7.16
N VAL A 238 -17.54 -19.99 -6.21
CA VAL A 238 -18.56 -20.71 -5.46
C VAL A 238 -19.75 -21.05 -6.37
N THR A 239 -20.24 -20.07 -7.13
CA THR A 239 -21.39 -20.30 -8.02
C THR A 239 -21.07 -21.14 -9.26
N ARG A 240 -19.80 -21.17 -9.66
CA ARG A 240 -19.35 -22.06 -10.72
C ARG A 240 -19.27 -23.51 -10.22
N ALA A 241 -19.25 -23.67 -8.90
CA ALA A 241 -19.30 -24.99 -8.27
C ALA A 241 -20.73 -25.43 -7.96
N GLY A 242 -21.69 -24.57 -8.31
CA GLY A 242 -23.11 -24.86 -8.11
C GLY A 242 -23.61 -24.60 -6.71
N LEU A 243 -22.72 -24.04 -5.88
CA LEU A 243 -23.05 -23.71 -4.49
C LEU A 243 -23.75 -22.35 -4.41
N PRO A 244 -24.62 -22.17 -3.40
CA PRO A 244 -25.40 -20.93 -3.30
C PRO A 244 -24.63 -19.74 -2.76
N CYS A 245 -25.09 -18.54 -3.13
CA CYS A 245 -24.62 -17.29 -2.54
C CYS A 245 -25.76 -16.65 -1.76
N GLN A 246 -25.42 -15.90 -0.72
CA GLN A 246 -26.42 -15.36 0.20
C GLN A 246 -26.55 -13.85 0.12
N ASP A 247 -27.80 -13.38 0.18
CA ASP A 247 -28.12 -11.95 0.35
C ASP A 247 -27.38 -11.00 -0.59
N LEU A 248 -27.20 -11.43 -1.84
CA LEU A 248 -26.40 -10.66 -2.80
C LEU A 248 -27.05 -9.35 -3.24
N GLU A 249 -28.37 -9.25 -3.09
CA GLU A 249 -29.10 -8.03 -3.44
C GLU A 249 -28.83 -6.90 -2.45
N PHE A 250 -28.33 -7.26 -1.27
CA PHE A 250 -28.04 -6.30 -0.22
C PHE A 250 -26.66 -5.66 -0.45
N VAL A 251 -26.67 -4.52 -1.12
CA VAL A 251 -25.46 -3.76 -1.43
C VAL A 251 -25.53 -2.42 -0.69
N GLN A 252 -24.48 -2.13 0.08
CA GLN A 252 -24.45 -0.91 0.87
C GLN A 252 -24.00 0.30 0.08
N PHE A 253 -24.78 1.37 0.15
CA PHE A 253 -24.45 2.64 -0.47
C PHE A 253 -23.94 3.61 0.59
N HIS A 254 -22.63 3.76 0.67
CA HIS A 254 -22.00 4.68 1.60
C HIS A 254 -22.41 6.11 1.27
N PRO A 255 -23.01 6.82 2.25
CA PRO A 255 -23.59 8.15 2.04
C PRO A 255 -22.56 9.17 1.56
N THR A 256 -21.33 9.06 2.06
CA THR A 256 -20.29 10.04 1.76
C THR A 256 -19.11 9.48 0.95
N GLY A 257 -19.13 9.76 -0.35
CA GLY A 257 -18.05 9.42 -1.26
C GLY A 257 -17.92 10.49 -2.32
N ILE A 258 -16.68 10.92 -2.58
CA ILE A 258 -16.40 12.03 -3.50
C ILE A 258 -17.03 11.81 -4.88
N TYR A 259 -17.76 12.83 -5.34
CA TYR A 259 -18.51 12.79 -6.60
C TYR A 259 -17.63 12.54 -7.84
N GLY A 260 -16.42 13.08 -7.83
CA GLY A 260 -15.51 13.04 -8.97
C GLY A 260 -15.12 11.64 -9.43
N ALA A 261 -13.97 11.18 -8.96
CA ALA A 261 -13.42 9.87 -9.35
C ALA A 261 -14.16 8.70 -8.70
N GLY A 262 -14.96 9.00 -7.67
CA GLY A 262 -15.73 7.98 -6.96
C GLY A 262 -15.07 7.51 -5.68
N CYS A 263 -14.06 8.25 -5.23
CA CYS A 263 -13.30 7.92 -4.02
C CYS A 263 -14.13 8.09 -2.75
N LEU A 264 -13.56 7.71 -1.62
CA LEU A 264 -14.27 7.73 -0.34
C LEU A 264 -13.65 8.65 0.71
N ILE A 265 -14.49 9.46 1.34
CA ILE A 265 -14.16 10.06 2.63
C ILE A 265 -14.88 9.27 3.73
N THR A 266 -14.22 9.13 4.88
CA THR A 266 -14.68 8.26 5.96
C THR A 266 -16.01 8.68 6.61
N GLU A 267 -16.65 7.72 7.26
CA GLU A 267 -17.81 8.00 8.12
C GLU A 267 -17.33 8.64 9.43
N GLY A 268 -16.02 8.52 9.68
CA GLY A 268 -15.36 9.18 10.81
C GLY A 268 -15.40 10.69 10.73
N CYS A 269 -15.69 11.22 9.54
CA CYS A 269 -15.96 12.64 9.34
C CYS A 269 -17.19 13.04 10.15
N ARG A 270 -18.24 12.22 10.04
CA ARG A 270 -19.48 12.41 10.79
C ARG A 270 -19.33 12.03 12.26
N GLY A 271 -18.43 11.09 12.55
CA GLY A 271 -18.18 10.61 13.90
C GLY A 271 -17.56 11.62 14.83
N GLU A 272 -16.64 12.43 14.29
CA GLU A 272 -15.96 13.48 15.06
C GLU A 272 -16.85 14.70 15.28
N GLY A 273 -17.58 15.09 14.22
CA GLY A 273 -18.51 16.22 14.29
C GLY A 273 -18.86 16.81 12.95
N GLY A 274 -18.93 15.96 11.93
CA GLY A 274 -19.28 16.38 10.57
C GLY A 274 -20.76 16.55 10.38
N ILE A 275 -21.13 17.53 9.57
CA ILE A 275 -22.53 17.87 9.32
C ILE A 275 -22.83 17.74 7.82
N LEU A 276 -24.06 17.34 7.49
CA LEU A 276 -24.50 17.22 6.11
C LEU A 276 -25.44 18.37 5.71
N ILE A 277 -25.08 19.06 4.63
CA ILE A 277 -25.77 20.28 4.20
C ILE A 277 -26.45 20.12 2.84
N ASN A 278 -27.72 20.53 2.75
CA ASN A 278 -28.49 20.47 1.51
C ASN A 278 -28.52 21.81 0.73
N SER A 279 -29.61 22.06 0.01
CA SER A 279 -29.75 23.25 -0.82
C SER A 279 -29.82 24.56 -0.02
N GLN A 280 -30.66 24.57 1.01
CA GLN A 280 -30.86 25.76 1.84
C GLN A 280 -29.66 26.03 2.76
N GLY A 281 -29.03 24.96 3.24
CA GLY A 281 -27.93 25.07 4.19
C GLY A 281 -28.28 24.48 5.54
N GLU A 282 -29.53 24.00 5.65
CA GLU A 282 -30.05 23.38 6.86
C GLU A 282 -29.42 22.00 7.09
N ARG A 283 -29.26 21.64 8.36
CA ARG A 283 -28.89 20.29 8.74
C ARG A 283 -30.08 19.36 8.44
N PHE A 284 -30.09 18.80 7.24
CA PHE A 284 -31.24 18.05 6.74
C PHE A 284 -31.35 16.64 7.33
N MET A 285 -30.30 16.19 8.02
CA MET A 285 -30.29 14.87 8.62
C MET A 285 -31.06 14.78 9.94
N GLU A 286 -31.34 15.94 10.55
CA GLU A 286 -32.18 16.01 11.75
C GLU A 286 -33.65 16.02 11.36
N ARG A 287 -33.91 16.33 10.08
CA ARG A 287 -35.27 16.32 9.52
C ARG A 287 -35.74 14.88 9.27
N TYR A 288 -34.79 13.97 9.03
CA TYR A 288 -35.08 12.55 8.82
C TYR A 288 -34.98 11.75 10.11
N ALA A 289 -33.79 11.74 10.71
CA ALA A 289 -33.55 11.03 11.97
C ALA A 289 -33.27 12.02 13.11
N PRO A 290 -34.18 12.09 14.09
CA PRO A 290 -34.03 13.04 15.21
C PRO A 290 -33.03 12.60 16.28
N VAL A 291 -33.04 11.32 16.64
CA VAL A 291 -32.23 10.81 17.75
C VAL A 291 -30.75 10.64 17.39
N ALA A 292 -30.46 9.89 16.32
CA ALA A 292 -29.09 9.64 15.91
C ALA A 292 -28.52 10.71 14.97
N LYS A 293 -29.40 11.52 14.40
CA LYS A 293 -29.04 12.64 13.50
C LYS A 293 -28.22 12.17 12.30
N ASP A 294 -27.21 12.95 11.90
CA ASP A 294 -26.35 12.58 10.77
C ASP A 294 -25.42 11.38 11.03
N LEU A 295 -25.38 10.93 12.29
CA LEU A 295 -24.61 9.75 12.67
C LEU A 295 -25.52 8.53 12.82
N ALA A 296 -26.40 8.33 11.84
CA ALA A 296 -27.32 7.19 11.79
C ALA A 296 -26.76 6.08 10.90
N SER A 297 -27.51 4.99 10.78
CA SER A 297 -27.12 3.84 9.97
C SER A 297 -27.01 4.19 8.48
N ARG A 298 -26.12 3.48 7.78
CA ARG A 298 -25.78 3.80 6.38
C ARG A 298 -26.96 3.72 5.40
N ASP A 299 -27.92 2.85 5.70
CA ASP A 299 -29.11 2.71 4.87
C ASP A 299 -30.10 3.87 5.03
N VAL A 300 -30.05 4.52 6.20
CA VAL A 300 -30.96 5.63 6.52
C VAL A 300 -30.40 6.97 6.04
N VAL A 301 -29.09 7.17 6.20
CA VAL A 301 -28.43 8.42 5.81
C VAL A 301 -28.41 8.59 4.29
N SER A 302 -28.05 7.52 3.58
CA SER A 302 -28.01 7.54 2.11
C SER A 302 -29.40 7.66 1.50
N ARG A 303 -30.39 7.07 2.18
CA ARG A 303 -31.80 7.16 1.77
C ARG A 303 -32.25 8.61 1.72
N SER A 304 -31.76 9.41 2.67
CA SER A 304 -32.06 10.83 2.74
C SER A 304 -31.41 11.58 1.59
N MET A 305 -30.11 11.38 1.42
CA MET A 305 -29.31 12.10 0.43
C MET A 305 -29.75 11.85 -1.01
N THR A 306 -30.03 10.59 -1.33
CA THR A 306 -30.41 10.18 -2.68
C THR A 306 -31.79 10.73 -3.06
N LEU A 307 -32.68 10.82 -2.07
CA LEU A 307 -34.03 11.35 -2.28
C LEU A 307 -34.02 12.88 -2.35
N GLU A 308 -33.03 13.50 -1.71
CA GLU A 308 -32.86 14.97 -1.69
C GLU A 308 -32.61 15.55 -3.09
N ILE A 309 -31.93 14.79 -3.93
CA ILE A 309 -31.65 15.20 -5.32
C ILE A 309 -32.92 15.12 -6.15
N ARG A 310 -33.76 14.13 -5.86
CA ARG A 310 -35.04 13.93 -6.56
C ARG A 310 -36.05 15.02 -6.21
N GLU A 311 -35.82 15.71 -5.10
CA GLU A 311 -36.63 16.87 -4.70
C GLU A 311 -36.30 18.09 -5.55
N GLY A 312 -35.13 18.04 -6.21
CA GLY A 312 -34.61 19.17 -6.98
C GLY A 312 -33.56 19.91 -6.19
N ARG A 313 -33.43 19.56 -4.91
CA ARG A 313 -32.48 20.19 -4.00
C ARG A 313 -31.06 19.71 -4.29
N GLY A 314 -30.47 20.27 -5.35
CA GLY A 314 -29.10 19.93 -5.75
C GLY A 314 -28.09 20.87 -5.10
N CYS A 315 -26.81 20.53 -5.25
CA CYS A 315 -25.73 21.32 -4.67
C CYS A 315 -24.55 21.54 -5.61
N GLY A 316 -24.43 20.66 -6.60
CA GLY A 316 -23.32 20.73 -7.56
C GLY A 316 -23.54 21.69 -8.72
N PRO A 317 -22.59 21.71 -9.68
CA PRO A 317 -22.70 22.56 -10.88
C PRO A 317 -23.86 22.14 -11.79
N GLU A 318 -24.13 20.84 -11.86
CA GLU A 318 -25.24 20.30 -12.62
C GLU A 318 -26.33 19.74 -11.69
N LYS A 319 -26.17 20.02 -10.39
CA LYS A 319 -27.09 19.58 -9.33
C LYS A 319 -27.27 18.07 -9.27
N ASP A 320 -26.29 17.38 -8.69
CA ASP A 320 -26.32 15.93 -8.54
C ASP A 320 -25.79 15.42 -7.20
N HIS A 321 -24.73 16.05 -6.69
CA HIS A 321 -24.16 15.67 -5.39
C HIS A 321 -24.59 16.59 -4.24
N VAL A 322 -24.38 16.13 -3.00
CA VAL A 322 -24.76 16.88 -1.81
C VAL A 322 -23.51 17.50 -1.15
N TYR A 323 -23.44 17.50 0.19
CA TYR A 323 -22.30 18.09 0.92
C TYR A 323 -22.00 17.41 2.26
N LEU A 324 -20.72 17.40 2.61
CA LEU A 324 -20.26 17.14 3.97
C LEU A 324 -19.33 18.29 4.36
N GLN A 325 -19.72 19.05 5.38
CA GLN A 325 -19.03 20.30 5.72
C GLN A 325 -18.04 20.14 6.87
N LEU A 326 -16.83 20.66 6.66
CA LEU A 326 -15.78 20.70 7.68
C LEU A 326 -15.25 22.13 7.84
N HIS A 327 -16.13 23.09 7.60
CA HIS A 327 -15.82 24.52 7.68
C HIS A 327 -15.61 24.99 9.12
N HIS A 328 -16.32 24.35 10.06
CA HIS A 328 -16.36 24.77 11.45
C HIS A 328 -15.45 23.96 12.38
N LEU A 329 -15.07 22.76 11.96
CA LEU A 329 -14.22 21.86 12.77
C LEU A 329 -12.85 22.48 13.07
N PRO A 330 -12.33 22.26 14.29
CA PRO A 330 -11.01 22.77 14.70
C PRO A 330 -9.89 22.34 13.77
N PRO A 331 -8.96 23.26 13.45
CA PRO A 331 -7.83 22.98 12.56
C PRO A 331 -6.88 21.91 13.09
N GLU A 332 -6.60 21.94 14.40
CA GLU A 332 -5.68 20.98 15.04
C GLU A 332 -6.28 19.59 15.21
N GLN A 333 -7.62 19.51 15.19
CA GLN A 333 -8.33 18.24 15.26
C GLN A 333 -8.22 17.49 13.93
N LEU A 334 -8.21 18.25 12.84
CA LEU A 334 -8.09 17.69 11.49
C LEU A 334 -6.63 17.46 11.08
N ALA A 335 -5.80 17.10 12.06
CA ALA A 335 -4.38 16.81 11.84
C ALA A 335 -3.95 15.55 12.58
N VAL A 336 -4.59 15.28 13.71
CA VAL A 336 -4.28 14.10 14.53
C VAL A 336 -5.39 13.03 14.45
N ARG A 337 -6.60 13.47 14.16
CA ARG A 337 -7.76 12.57 14.07
C ARG A 337 -8.02 12.12 12.65
N LEU A 338 -8.01 13.08 11.72
CA LEU A 338 -8.29 12.79 10.31
C LEU A 338 -7.30 13.50 9.35
N PRO A 339 -6.06 13.00 9.28
CA PRO A 339 -5.09 13.58 8.32
C PRO A 339 -5.11 12.91 6.95
N GLY A 340 -5.70 11.71 6.87
CA GLY A 340 -5.76 10.93 5.63
C GLY A 340 -6.71 11.51 4.61
N ILE A 341 -7.87 11.96 5.06
CA ILE A 341 -8.86 12.63 4.20
C ILE A 341 -8.46 14.06 3.87
N SER A 342 -7.56 14.63 4.68
CA SER A 342 -7.05 15.98 4.48
C SER A 342 -6.25 16.10 3.17
N GLU A 343 -5.56 15.02 2.81
CA GLU A 343 -4.76 14.97 1.59
C GLU A 343 -5.55 14.46 0.39
N THR A 344 -6.39 13.45 0.59
CA THR A 344 -7.14 12.79 -0.49
C THR A 344 -8.26 13.66 -1.08
N ALA A 345 -8.80 14.57 -0.27
CA ALA A 345 -9.80 15.53 -0.75
C ALA A 345 -9.16 16.64 -1.58
N MET A 346 -7.90 16.94 -1.26
CA MET A 346 -7.13 17.97 -1.97
C MET A 346 -6.70 17.52 -3.36
N ILE A 347 -6.48 16.22 -3.53
CA ILE A 347 -5.99 15.67 -4.81
C ILE A 347 -7.09 15.57 -5.88
N PHE A 348 -8.16 14.84 -5.58
CA PHE A 348 -9.20 14.55 -6.56
C PHE A 348 -10.25 15.65 -6.69
N ALA A 349 -10.71 16.17 -5.56
CA ALA A 349 -11.72 17.22 -5.55
C ALA A 349 -11.12 18.62 -5.64
N GLY A 350 -9.85 18.75 -5.22
CA GLY A 350 -9.17 20.04 -5.17
C GLY A 350 -9.73 20.90 -4.05
N VAL A 351 -9.90 20.29 -2.88
CA VAL A 351 -10.60 20.93 -1.76
C VAL A 351 -9.75 20.94 -0.48
N ASP A 352 -9.58 22.14 0.08
CA ASP A 352 -8.97 22.32 1.39
C ASP A 352 -10.02 21.96 2.44
N VAL A 353 -9.70 20.98 3.29
CA VAL A 353 -10.67 20.43 4.25
C VAL A 353 -10.98 21.37 5.42
N THR A 354 -10.05 22.26 5.75
CA THR A 354 -10.20 23.15 6.91
C THR A 354 -11.10 24.37 6.65
N LYS A 355 -11.33 24.68 5.38
CA LYS A 355 -12.10 25.88 5.02
C LYS A 355 -13.25 25.61 4.04
N GLU A 356 -13.07 24.62 3.15
CA GLU A 356 -14.07 24.30 2.13
C GLU A 356 -14.78 22.96 2.40
N PRO A 357 -16.10 22.90 2.13
CA PRO A 357 -16.87 21.66 2.30
C PRO A 357 -16.59 20.61 1.24
N ILE A 358 -16.77 19.34 1.60
CA ILE A 358 -16.51 18.21 0.70
C ILE A 358 -17.77 17.84 -0.09
N PRO A 359 -17.66 17.74 -1.43
CA PRO A 359 -18.78 17.29 -2.27
C PRO A 359 -18.90 15.76 -2.26
N VAL A 360 -20.07 15.26 -1.84
CA VAL A 360 -20.29 13.81 -1.70
C VAL A 360 -21.58 13.29 -2.33
N LEU A 361 -21.55 12.02 -2.73
CA LEU A 361 -22.70 11.33 -3.31
C LEU A 361 -22.72 9.90 -2.77
N PRO A 362 -23.92 9.37 -2.43
CA PRO A 362 -24.05 7.97 -2.02
C PRO A 362 -23.59 7.01 -3.13
N THR A 363 -22.56 6.22 -2.83
CA THR A 363 -21.98 5.30 -3.81
C THR A 363 -21.75 3.93 -3.19
N VAL A 364 -21.72 2.91 -4.05
CA VAL A 364 -21.52 1.51 -3.64
C VAL A 364 -20.27 1.37 -2.78
N HIS A 365 -20.41 0.66 -1.66
CA HIS A 365 -19.35 0.58 -0.66
C HIS A 365 -19.11 -0.84 -0.17
N TYR A 366 -20.15 -1.46 0.39
CA TYR A 366 -20.00 -2.77 1.01
C TYR A 366 -20.98 -3.81 0.47
N ASN A 367 -20.47 -5.03 0.29
CA ASN A 367 -21.30 -6.18 -0.02
C ASN A 367 -21.45 -7.07 1.20
N MET A 368 -22.53 -6.86 1.96
CA MET A 368 -22.82 -7.71 3.12
C MET A 368 -23.22 -9.12 2.72
N GLY A 369 -23.72 -9.25 1.49
CA GLY A 369 -23.94 -10.55 0.88
C GLY A 369 -22.62 -11.24 0.56
N GLY A 370 -22.71 -12.51 0.21
CA GLY A 370 -21.52 -13.29 -0.16
C GLY A 370 -21.74 -14.78 0.01
N ILE A 371 -20.68 -15.48 0.39
CA ILE A 371 -20.72 -16.93 0.56
C ILE A 371 -21.30 -17.27 1.95
N PRO A 372 -22.42 -18.03 1.98
CA PRO A 372 -23.06 -18.43 3.24
C PRO A 372 -22.10 -19.13 4.18
N THR A 373 -22.12 -18.75 5.45
CA THR A 373 -21.09 -19.16 6.41
C THR A 373 -21.64 -19.45 7.80
N ASN A 374 -21.01 -20.41 8.49
CA ASN A 374 -21.23 -20.65 9.92
C ASN A 374 -20.65 -19.52 10.76
N TYR A 375 -20.94 -19.55 12.07
CA TYR A 375 -20.22 -18.71 13.01
C TYR A 375 -18.79 -19.27 13.17
N LYS A 376 -18.61 -20.52 12.78
CA LYS A 376 -17.32 -21.18 12.78
C LYS A 376 -16.54 -20.97 11.48
N GLY A 377 -17.16 -20.30 10.52
CA GLY A 377 -16.49 -19.95 9.28
C GLY A 377 -16.65 -20.95 8.15
N GLN A 378 -17.47 -21.97 8.38
CA GLN A 378 -17.68 -23.04 7.41
C GLN A 378 -18.69 -22.64 6.34
N VAL A 379 -18.40 -22.97 5.09
CA VAL A 379 -19.31 -22.69 3.97
C VAL A 379 -20.51 -23.65 4.00
N LEU A 380 -21.70 -23.10 3.75
CA LEU A 380 -22.93 -23.87 3.85
C LEU A 380 -23.64 -24.02 2.51
N ARG A 381 -23.88 -25.27 2.11
CA ARG A 381 -24.78 -25.56 0.99
C ARG A 381 -26.19 -25.78 1.55
N HIS A 382 -27.20 -25.67 0.69
CA HIS A 382 -28.58 -25.83 1.12
C HIS A 382 -29.24 -27.04 0.49
N VAL A 383 -29.47 -28.07 1.30
CA VAL A 383 -30.08 -29.31 0.83
C VAL A 383 -31.31 -29.66 1.67
N ASN A 384 -32.42 -29.97 0.97
CA ASN A 384 -33.68 -30.36 1.58
C ASN A 384 -34.19 -29.35 2.62
N GLY A 385 -34.14 -28.07 2.25
CA GLY A 385 -34.60 -26.99 3.12
C GLY A 385 -33.78 -26.79 4.38
N GLN A 386 -32.74 -27.61 4.56
CA GLN A 386 -31.91 -27.57 5.75
C GLN A 386 -30.47 -27.19 5.42
N ASP A 387 -29.75 -26.75 6.44
CA ASP A 387 -28.34 -26.37 6.28
C ASP A 387 -27.41 -27.58 6.28
N GLN A 388 -26.28 -27.45 5.59
CA GLN A 388 -25.31 -28.51 5.43
C GLN A 388 -23.93 -27.93 5.15
N VAL A 389 -22.93 -28.38 5.89
CA VAL A 389 -21.57 -27.88 5.75
C VAL A 389 -20.87 -28.51 4.54
N VAL A 390 -20.25 -27.65 3.71
CA VAL A 390 -19.40 -28.12 2.62
C VAL A 390 -18.04 -28.52 3.20
N PRO A 391 -17.68 -29.81 3.06
CA PRO A 391 -16.44 -30.33 3.64
C PRO A 391 -15.20 -29.68 3.04
N GLY A 392 -14.34 -29.16 3.92
CA GLY A 392 -13.07 -28.56 3.52
C GLY A 392 -13.19 -27.24 2.76
N LEU A 393 -14.26 -26.49 3.02
CA LEU A 393 -14.45 -25.19 2.40
C LEU A 393 -14.90 -24.15 3.42
N TYR A 394 -14.09 -23.10 3.55
CA TYR A 394 -14.35 -22.02 4.50
C TYR A 394 -14.37 -20.68 3.78
N ALA A 395 -14.99 -19.68 4.40
CA ALA A 395 -15.03 -18.32 3.87
C ALA A 395 -15.10 -17.31 5.00
N CYS A 396 -14.38 -16.19 4.83
CA CYS A 396 -14.34 -15.13 5.83
C CYS A 396 -14.17 -13.75 5.20
N GLY A 397 -14.67 -12.72 5.88
CA GLY A 397 -14.51 -11.33 5.42
C GLY A 397 -15.70 -10.81 4.63
N GLU A 398 -15.43 -9.96 3.65
CA GLU A 398 -16.47 -9.34 2.84
C GLU A 398 -17.05 -10.32 1.82
N ALA A 399 -16.19 -11.19 1.29
CA ALA A 399 -16.60 -12.23 0.33
C ALA A 399 -17.53 -13.26 0.95
N ALA A 400 -17.41 -13.41 2.27
CA ALA A 400 -18.27 -14.33 3.02
C ALA A 400 -19.59 -13.67 3.41
N CYS A 401 -20.47 -14.47 3.99
CA CYS A 401 -21.73 -14.00 4.54
C CYS A 401 -22.18 -14.93 5.66
N ALA A 402 -21.59 -14.74 6.84
CA ALA A 402 -22.10 -15.36 8.06
C ALA A 402 -23.31 -14.55 8.51
N SER A 403 -23.56 -13.48 7.75
CA SER A 403 -24.61 -12.48 8.05
C SER A 403 -24.47 -11.89 9.44
N VAL A 404 -23.29 -11.36 9.70
CA VAL A 404 -23.05 -10.53 10.87
C VAL A 404 -23.60 -9.13 10.59
N HIS A 405 -23.57 -8.75 9.32
CA HIS A 405 -24.08 -7.45 8.86
C HIS A 405 -25.53 -7.57 8.39
N GLY A 406 -25.90 -8.75 7.91
CA GLY A 406 -27.28 -9.06 7.51
C GLY A 406 -27.81 -8.24 6.35
N ALA A 407 -28.72 -7.32 6.66
CA ALA A 407 -29.36 -6.47 5.66
C ALA A 407 -28.68 -5.11 5.51
N ASN A 408 -27.94 -4.71 6.54
CA ASN A 408 -27.21 -3.45 6.54
C ASN A 408 -26.05 -3.48 7.52
N ARG A 409 -24.84 -3.22 7.02
CA ARG A 409 -23.63 -3.22 7.84
C ARG A 409 -23.56 -2.01 8.77
N LEU A 410 -23.24 -2.25 10.02
CA LEU A 410 -23.01 -1.17 10.99
C LEU A 410 -21.63 -0.56 10.75
N GLY A 411 -21.50 0.74 11.02
CA GLY A 411 -20.26 1.47 10.78
C GLY A 411 -19.05 0.93 11.53
N ALA A 412 -17.96 0.71 10.78
CA ALA A 412 -16.68 0.25 11.32
C ALA A 412 -16.72 -1.17 11.90
N ASN A 413 -17.55 -2.02 11.32
CA ASN A 413 -17.68 -3.41 11.75
C ASN A 413 -16.96 -4.41 10.85
N SER A 414 -16.68 -4.01 9.62
CA SER A 414 -16.05 -4.91 8.65
C SER A 414 -14.62 -5.29 9.02
N LEU A 415 -13.81 -4.32 9.42
CA LEU A 415 -12.43 -4.58 9.84
C LEU A 415 -12.40 -5.52 11.04
N LEU A 416 -13.46 -5.49 11.85
CA LEU A 416 -13.65 -6.44 12.94
C LEU A 416 -14.02 -7.81 12.37
N ASP A 417 -15.06 -7.82 11.54
CA ASP A 417 -15.51 -8.99 10.79
C ASP A 417 -14.33 -9.74 10.13
N LEU A 418 -13.37 -8.99 9.63
CA LEU A 418 -12.15 -9.53 9.03
C LEU A 418 -11.30 -10.32 10.02
N VAL A 419 -10.84 -9.63 11.07
CA VAL A 419 -9.93 -10.19 12.06
C VAL A 419 -10.57 -11.34 12.84
N VAL A 420 -11.84 -11.18 13.21
CA VAL A 420 -12.55 -12.18 14.00
C VAL A 420 -12.80 -13.47 13.21
N PHE A 421 -13.40 -13.35 12.02
CA PHE A 421 -13.75 -14.53 11.23
C PHE A 421 -12.58 -15.11 10.44
N GLY A 422 -11.53 -14.32 10.25
CA GLY A 422 -10.26 -14.83 9.76
C GLY A 422 -9.68 -15.78 10.79
N ARG A 423 -9.69 -15.35 12.05
CA ARG A 423 -9.25 -16.14 13.19
C ARG A 423 -10.12 -17.39 13.36
N ALA A 424 -11.44 -17.21 13.17
CA ALA A 424 -12.41 -18.29 13.34
C ALA A 424 -12.19 -19.44 12.36
N CYS A 425 -11.85 -19.10 11.11
CA CYS A 425 -11.54 -20.10 10.09
C CYS A 425 -10.32 -20.91 10.46
N ALA A 426 -9.33 -20.26 11.06
CA ALA A 426 -8.11 -20.92 11.52
C ALA A 426 -8.38 -21.90 12.66
N LEU A 427 -9.23 -21.47 13.60
CA LEU A 427 -9.55 -22.27 14.79
C LEU A 427 -10.41 -23.49 14.47
N SER A 428 -11.33 -23.33 13.52
CA SER A 428 -12.22 -24.43 13.12
C SER A 428 -11.47 -25.55 12.43
N ILE A 429 -10.42 -25.19 11.69
CA ILE A 429 -9.54 -26.16 11.05
C ILE A 429 -8.64 -26.84 12.09
N ALA A 430 -8.08 -26.04 13.00
CA ALA A 430 -7.21 -26.53 14.07
C ALA A 430 -7.88 -27.56 14.99
N GLU A 431 -9.21 -27.53 15.04
CA GLU A 431 -9.98 -28.44 15.89
C GLU A 431 -10.47 -29.67 15.13
N SER A 432 -10.89 -29.49 13.88
CA SER A 432 -11.47 -30.57 13.08
C SER A 432 -10.43 -31.58 12.58
N CYS A 433 -9.23 -31.10 12.27
CA CYS A 433 -8.13 -31.97 11.83
C CYS A 433 -6.77 -31.44 12.29
N ARG A 434 -5.75 -32.28 12.15
CA ARG A 434 -4.38 -31.92 12.55
C ARG A 434 -3.50 -31.66 11.32
N PRO A 435 -2.40 -30.92 11.48
CA PRO A 435 -1.45 -30.75 10.38
C PRO A 435 -0.78 -32.06 10.02
N GLY A 436 -0.57 -32.29 8.72
CA GLY A 436 0.03 -33.53 8.24
C GLY A 436 -0.95 -34.67 8.13
N ASP A 437 -2.24 -34.34 8.10
CA ASP A 437 -3.30 -35.35 7.88
C ASP A 437 -3.41 -35.70 6.39
N LYS A 438 -4.25 -36.67 6.07
CA LYS A 438 -4.45 -37.11 4.70
C LYS A 438 -4.98 -35.97 3.83
N VAL A 439 -4.13 -35.48 2.92
CA VAL A 439 -4.54 -34.53 1.91
C VAL A 439 -5.11 -35.31 0.73
N PRO A 440 -6.43 -35.19 0.48
CA PRO A 440 -7.11 -35.99 -0.53
C PRO A 440 -6.66 -35.68 -1.95
N SER A 441 -6.53 -36.72 -2.77
CA SER A 441 -6.03 -36.57 -4.14
C SER A 441 -7.11 -36.18 -5.13
N ILE A 442 -6.73 -35.35 -6.09
CA ILE A 442 -7.64 -34.86 -7.13
C ILE A 442 -7.37 -35.60 -8.44
N LYS A 443 -8.41 -35.74 -9.27
CA LYS A 443 -8.32 -36.40 -10.58
C LYS A 443 -7.22 -35.77 -11.45
N PRO A 444 -6.51 -36.58 -12.24
CA PRO A 444 -5.47 -36.06 -13.14
C PRO A 444 -6.02 -35.04 -14.15
N ASN A 445 -7.28 -35.21 -14.54
CA ASN A 445 -7.93 -34.30 -15.48
C ASN A 445 -8.95 -33.38 -14.82
N ALA A 446 -8.63 -32.91 -13.61
CA ALA A 446 -9.56 -32.06 -12.85
C ALA A 446 -9.16 -30.60 -12.88
N GLY A 447 -10.17 -29.73 -13.07
CA GLY A 447 -9.95 -28.30 -13.23
C GLY A 447 -9.63 -27.91 -14.66
N GLU A 448 -9.74 -28.88 -15.56
CA GLU A 448 -9.42 -28.71 -16.99
C GLU A 448 -10.32 -27.69 -17.68
N GLU A 449 -11.56 -27.58 -17.20
CA GLU A 449 -12.54 -26.66 -17.78
C GLU A 449 -12.21 -25.20 -17.48
N SER A 450 -11.52 -24.98 -16.36
CA SER A 450 -11.04 -23.66 -15.99
C SER A 450 -9.87 -23.25 -16.89
N VAL A 451 -9.00 -24.22 -17.17
CA VAL A 451 -7.88 -24.06 -18.10
C VAL A 451 -8.40 -23.79 -19.52
N MET A 452 -9.42 -24.54 -19.91
CA MET A 452 -10.05 -24.39 -21.22
C MET A 452 -10.79 -23.05 -21.33
N ASN A 453 -11.42 -22.63 -20.23
CA ASN A 453 -12.04 -21.31 -20.15
C ASN A 453 -10.99 -20.22 -20.32
N LEU A 454 -9.86 -20.39 -19.64
CA LEU A 454 -8.71 -19.48 -19.74
C LEU A 454 -8.23 -19.35 -21.19
N ASP A 455 -8.11 -20.49 -21.87
CA ASP A 455 -7.61 -20.55 -23.25
C ASP A 455 -8.57 -19.91 -24.24
N LYS A 456 -9.87 -20.01 -23.94
CA LYS A 456 -10.92 -19.45 -24.79
C LYS A 456 -10.89 -17.92 -24.77
N LEU A 457 -10.70 -17.34 -23.59
CA LEU A 457 -10.63 -15.89 -23.45
C LEU A 457 -9.28 -15.32 -23.87
N ARG A 458 -8.25 -16.14 -23.80
CA ARG A 458 -6.90 -15.75 -24.21
C ARG A 458 -6.86 -15.45 -25.71
N PHE A 459 -7.49 -16.32 -26.49
CA PHE A 459 -7.56 -16.17 -27.94
C PHE A 459 -8.95 -15.69 -28.41
N ALA A 460 -9.65 -14.97 -27.54
CA ALA A 460 -11.00 -14.48 -27.84
C ALA A 460 -10.99 -13.42 -28.94
N ASN A 461 -11.94 -13.54 -29.86
CA ASN A 461 -12.05 -12.63 -31.00
C ASN A 461 -13.50 -12.45 -31.43
N GLY A 462 -14.22 -11.58 -30.71
CA GLY A 462 -15.64 -11.34 -30.97
C GLY A 462 -15.92 -10.00 -31.60
N THR A 463 -16.98 -9.34 -31.14
CA THR A 463 -17.37 -8.02 -31.66
C THR A 463 -17.41 -6.94 -30.56
N ILE A 464 -17.57 -7.37 -29.32
CA ILE A 464 -17.59 -6.45 -28.18
C ILE A 464 -16.34 -6.64 -27.33
N ARG A 465 -15.65 -5.55 -27.04
CA ARG A 465 -14.44 -5.57 -26.23
C ARG A 465 -14.78 -5.72 -24.74
N THR A 466 -13.82 -6.22 -23.97
CA THR A 466 -13.99 -6.42 -22.53
C THR A 466 -14.42 -5.14 -21.81
N SER A 467 -13.74 -4.04 -22.12
CA SER A 467 -14.00 -2.75 -21.49
C SER A 467 -15.40 -2.21 -21.79
N GLU A 468 -15.84 -2.38 -23.04
CA GLU A 468 -17.15 -1.91 -23.48
C GLU A 468 -18.30 -2.69 -22.83
N LEU A 469 -18.09 -3.98 -22.62
CA LEU A 469 -19.09 -4.83 -21.99
C LEU A 469 -19.14 -4.62 -20.48
N ARG A 470 -17.98 -4.31 -19.89
CA ARG A 470 -17.87 -3.94 -18.48
C ARG A 470 -18.68 -2.68 -18.22
N LEU A 471 -18.48 -1.68 -19.08
CA LEU A 471 -19.19 -0.41 -18.99
C LEU A 471 -20.70 -0.60 -19.11
N SER A 472 -21.10 -1.51 -20.00
CA SER A 472 -22.51 -1.81 -20.25
C SER A 472 -23.18 -2.52 -19.06
N MET A 473 -22.38 -3.26 -18.30
CA MET A 473 -22.85 -3.91 -17.08
C MET A 473 -22.93 -2.91 -15.93
N GLN A 474 -21.88 -2.10 -15.79
CA GLN A 474 -21.75 -1.13 -14.71
C GLN A 474 -22.82 -0.02 -14.74
N LYS A 475 -23.11 0.48 -15.95
CA LYS A 475 -24.13 1.52 -16.12
C LYS A 475 -25.54 0.97 -15.97
N SER A 476 -25.72 -0.30 -16.32
CA SER A 476 -27.00 -0.98 -16.17
C SER A 476 -27.39 -1.16 -14.71
N MET A 477 -26.42 -1.56 -13.90
CA MET A 477 -26.64 -1.74 -12.46
C MET A 477 -26.83 -0.42 -11.74
N GLN A 478 -26.20 0.64 -12.26
CA GLN A 478 -26.22 1.95 -11.60
C GLN A 478 -27.58 2.63 -11.70
N SER A 479 -28.29 2.39 -12.80
CA SER A 479 -29.58 3.02 -13.04
C SER A 479 -30.78 2.14 -12.65
N HIS A 480 -30.56 0.81 -12.65
CA HIS A 480 -31.63 -0.14 -12.33
C HIS A 480 -31.61 -0.63 -10.88
N ALA A 481 -30.41 -0.75 -10.30
CA ALA A 481 -30.25 -1.21 -8.92
C ALA A 481 -29.55 -0.17 -8.04
N ALA A 482 -30.11 1.05 -8.02
CA ALA A 482 -29.58 2.14 -7.19
C ALA A 482 -29.98 1.98 -5.73
N VAL A 483 -30.03 3.10 -5.00
CA VAL A 483 -30.49 3.10 -3.60
C VAL A 483 -31.97 2.76 -3.57
N PHE A 484 -32.76 3.50 -4.35
CA PHE A 484 -34.18 3.21 -4.54
C PHE A 484 -34.36 2.36 -5.79
N ARG A 485 -35.33 1.46 -5.76
CA ARG A 485 -35.68 0.62 -6.91
C ARG A 485 -37.12 0.09 -6.88
N VAL A 486 -37.77 0.16 -8.02
CA VAL A 486 -39.12 -0.40 -8.20
C VAL A 486 -39.08 -1.66 -9.04
N GLY A 487 -40.06 -2.54 -8.84
CA GLY A 487 -40.18 -3.79 -9.59
C GLY A 487 -40.15 -3.61 -11.10
N SER A 488 -40.73 -2.52 -11.58
CA SER A 488 -40.77 -2.18 -13.00
C SER A 488 -39.37 -1.97 -13.58
N VAL A 489 -38.57 -1.16 -12.91
CA VAL A 489 -37.22 -0.84 -13.37
C VAL A 489 -36.23 -1.98 -13.08
N LEU A 490 -36.53 -2.78 -12.07
CA LEU A 490 -35.70 -3.93 -11.71
C LEU A 490 -35.87 -5.08 -12.70
N GLN A 491 -37.08 -5.21 -13.25
CA GLN A 491 -37.37 -6.24 -14.25
C GLN A 491 -36.62 -5.98 -15.57
N GLU A 492 -36.58 -4.72 -15.98
CA GLU A 492 -35.85 -4.32 -17.18
C GLU A 492 -34.34 -4.50 -16.99
N GLY A 493 -33.88 -4.22 -15.78
CA GLY A 493 -32.48 -4.41 -15.41
C GLY A 493 -32.06 -5.87 -15.43
N CYS A 494 -32.98 -6.75 -15.03
CA CYS A 494 -32.73 -8.20 -15.00
C CYS A 494 -32.50 -8.78 -16.39
N GLU A 495 -33.44 -8.53 -17.30
CA GLU A 495 -33.34 -9.01 -18.67
C GLU A 495 -32.22 -8.31 -19.46
N LYS A 496 -31.83 -7.12 -19.00
CA LYS A 496 -30.73 -6.37 -19.61
C LYS A 496 -29.38 -7.00 -19.24
N ILE A 497 -29.25 -7.41 -17.98
CA ILE A 497 -28.04 -8.07 -17.49
C ILE A 497 -27.93 -9.48 -18.08
N LEU A 498 -29.06 -10.18 -18.19
CA LEU A 498 -29.11 -11.52 -18.77
C LEU A 498 -28.70 -11.50 -20.24
N ARG A 499 -29.05 -10.43 -20.94
CA ARG A 499 -28.68 -10.23 -22.33
C ARG A 499 -27.16 -10.07 -22.48
N LEU A 500 -26.55 -9.40 -21.50
CA LEU A 500 -25.11 -9.15 -21.51
C LEU A 500 -24.30 -10.39 -21.15
N TYR A 501 -24.95 -11.38 -20.53
CA TYR A 501 -24.30 -12.64 -20.21
C TYR A 501 -24.13 -13.49 -21.47
N GLY A 502 -25.08 -13.38 -22.39
CA GLY A 502 -24.97 -14.00 -23.70
C GLY A 502 -23.94 -13.31 -24.56
N ASP A 503 -23.70 -12.03 -24.27
CA ASP A 503 -22.72 -11.21 -24.98
C ASP A 503 -21.27 -11.58 -24.66
N LEU A 504 -21.10 -12.43 -23.64
CA LEU A 504 -19.77 -12.90 -23.24
C LEU A 504 -19.15 -13.82 -24.30
N GLN A 505 -20.00 -14.40 -25.15
CA GLN A 505 -19.56 -15.23 -26.25
C GLN A 505 -18.84 -14.40 -27.33
N HIS A 506 -19.23 -13.13 -27.42
CA HIS A 506 -18.70 -12.22 -28.44
C HIS A 506 -17.59 -11.32 -27.90
N LEU A 507 -16.80 -11.84 -26.96
CA LEU A 507 -15.72 -11.06 -26.36
C LEU A 507 -14.48 -10.94 -27.23
N LYS A 508 -13.87 -9.76 -27.19
CA LYS A 508 -12.68 -9.47 -27.99
C LYS A 508 -11.46 -9.27 -27.07
N THR A 509 -10.39 -10.03 -27.37
CA THR A 509 -9.16 -9.97 -26.59
C THR A 509 -7.99 -9.72 -27.54
N PHE A 510 -7.16 -8.73 -27.20
CA PHE A 510 -6.03 -8.34 -28.04
C PHE A 510 -4.71 -8.97 -27.60
N ASP A 511 -4.43 -8.90 -26.30
CA ASP A 511 -3.18 -9.46 -25.75
C ASP A 511 -3.21 -10.99 -25.79
N ARG A 512 -2.24 -11.56 -26.49
CA ARG A 512 -2.16 -13.01 -26.71
C ARG A 512 -0.95 -13.64 -26.03
N GLY A 513 -0.39 -12.93 -25.06
CA GLY A 513 0.82 -13.38 -24.37
C GLY A 513 0.58 -14.20 -23.12
N MET A 514 1.60 -14.94 -22.70
CA MET A 514 1.58 -15.70 -21.46
C MET A 514 1.86 -14.79 -20.27
N VAL A 515 2.94 -14.02 -20.39
CA VAL A 515 3.42 -13.15 -19.31
C VAL A 515 2.50 -11.94 -19.15
N TRP A 516 2.02 -11.76 -17.91
CA TRP A 516 1.23 -10.58 -17.50
C TRP A 516 0.19 -10.12 -18.52
N ASN A 517 -0.89 -10.88 -18.62
CA ASN A 517 -1.96 -10.56 -19.55
C ASN A 517 -3.11 -9.86 -18.83
N THR A 518 -2.94 -8.56 -18.59
CA THR A 518 -3.95 -7.74 -17.91
C THR A 518 -5.26 -7.64 -18.70
N ASP A 519 -5.18 -7.88 -20.01
CA ASP A 519 -6.36 -7.96 -20.86
C ASP A 519 -7.15 -9.23 -20.57
N LEU A 520 -6.45 -10.31 -20.28
CA LEU A 520 -7.07 -11.60 -19.97
C LEU A 520 -7.65 -11.67 -18.56
N VAL A 521 -6.89 -11.19 -17.58
CA VAL A 521 -7.32 -11.28 -16.18
C VAL A 521 -8.52 -10.38 -15.86
N GLU A 522 -8.62 -9.24 -16.56
CA GLU A 522 -9.77 -8.35 -16.41
C GLU A 522 -11.01 -8.93 -17.09
N THR A 523 -10.77 -9.76 -18.11
CA THR A 523 -11.85 -10.48 -18.79
C THR A 523 -12.32 -11.65 -17.93
N LEU A 524 -11.37 -12.29 -17.23
CA LEU A 524 -11.69 -13.29 -16.22
C LEU A 524 -12.50 -12.64 -15.10
N GLU A 525 -12.06 -11.45 -14.69
CA GLU A 525 -12.76 -10.64 -13.70
C GLU A 525 -14.17 -10.29 -14.16
N LEU A 526 -14.32 -10.04 -15.46
CA LEU A 526 -15.62 -9.70 -16.05
C LEU A 526 -16.62 -10.86 -15.92
N GLN A 527 -16.14 -12.07 -16.18
CA GLN A 527 -16.95 -13.29 -15.99
C GLN A 527 -17.46 -13.36 -14.56
N ASN A 528 -16.56 -13.09 -13.61
CA ASN A 528 -16.87 -13.10 -12.20
C ASN A 528 -17.85 -11.99 -11.82
N LEU A 529 -17.59 -10.78 -12.32
CA LEU A 529 -18.43 -9.60 -12.07
C LEU A 529 -19.88 -9.80 -12.55
N MET A 530 -20.01 -10.35 -13.76
CA MET A 530 -21.32 -10.64 -14.35
C MET A 530 -22.11 -11.63 -13.49
N LEU A 531 -21.47 -12.73 -13.10
CA LEU A 531 -22.10 -13.76 -12.28
C LEU A 531 -22.56 -13.22 -10.92
N CYS A 532 -21.85 -12.22 -10.42
CA CYS A 532 -22.28 -11.50 -9.21
C CYS A 532 -23.46 -10.59 -9.51
N ALA A 533 -23.42 -9.92 -10.65
CA ALA A 533 -24.46 -8.97 -11.05
C ALA A 533 -25.83 -9.63 -11.21
N LEU A 534 -25.85 -10.78 -11.88
CA LEU A 534 -27.10 -11.51 -12.13
C LEU A 534 -27.83 -11.89 -10.84
N GLN A 535 -27.07 -12.39 -9.87
CA GLN A 535 -27.65 -12.80 -8.58
C GLN A 535 -28.09 -11.61 -7.75
N THR A 536 -27.39 -10.49 -7.92
CA THR A 536 -27.73 -9.25 -7.22
C THR A 536 -29.06 -8.68 -7.71
N ILE A 537 -29.22 -8.60 -9.03
CA ILE A 537 -30.37 -7.95 -9.65
C ILE A 537 -31.66 -8.81 -9.59
N TYR A 538 -31.52 -10.12 -9.79
CA TYR A 538 -32.65 -11.05 -9.73
C TYR A 538 -33.18 -11.23 -8.31
N GLY A 539 -32.27 -11.33 -7.35
CA GLY A 539 -32.62 -11.41 -5.94
C GLY A 539 -33.32 -10.15 -5.46
N ALA A 540 -32.88 -9.00 -6.00
CA ALA A 540 -33.46 -7.70 -5.67
C ALA A 540 -34.88 -7.56 -6.19
N GLU A 541 -35.13 -8.03 -7.42
CA GLU A 541 -36.43 -7.92 -8.03
C GLU A 541 -37.45 -8.87 -7.38
N ALA A 542 -36.96 -10.00 -6.89
CA ALA A 542 -37.81 -11.02 -6.28
C ALA A 542 -38.21 -10.65 -4.85
N ARG A 543 -37.28 -10.05 -4.11
CA ARG A 543 -37.55 -9.60 -2.74
C ARG A 543 -38.50 -8.41 -2.74
N LYS A 544 -39.69 -8.62 -2.21
CA LYS A 544 -40.75 -7.60 -2.25
C LYS A 544 -40.99 -6.98 -0.87
N GLU A 545 -40.00 -6.22 -0.41
CA GLU A 545 -40.05 -5.52 0.87
C GLU A 545 -38.97 -4.44 0.94
N SER A 546 -39.06 -3.57 1.95
CA SER A 546 -38.03 -2.59 2.23
C SER A 546 -37.26 -2.93 3.51
N ARG A 547 -36.22 -3.75 3.37
CA ARG A 547 -35.40 -4.19 4.48
C ARG A 547 -33.95 -3.72 4.32
N GLY A 548 -33.43 -3.07 5.36
CA GLY A 548 -32.04 -2.62 5.38
C GLY A 548 -31.70 -1.67 4.26
N ALA A 549 -30.69 -2.02 3.48
CA ALA A 549 -30.26 -1.21 2.33
C ALA A 549 -31.17 -1.40 1.12
N HIS A 550 -31.78 -2.58 1.00
CA HIS A 550 -32.69 -2.87 -0.09
C HIS A 550 -34.06 -2.24 0.19
N ALA A 551 -34.34 -1.13 -0.50
CA ALA A 551 -35.59 -0.40 -0.32
C ALA A 551 -36.43 -0.39 -1.58
N ARG A 552 -37.68 -0.79 -1.46
CA ARG A 552 -38.62 -0.81 -2.57
C ARG A 552 -39.68 0.27 -2.41
N GLU A 553 -39.88 1.06 -3.47
CA GLU A 553 -40.88 2.14 -3.46
C GLU A 553 -42.30 1.56 -3.48
N ASP A 554 -42.46 0.44 -4.19
CA ASP A 554 -43.75 -0.26 -4.29
C ASP A 554 -44.05 -1.08 -3.03
N PHE A 555 -43.01 -1.69 -2.46
CA PHE A 555 -43.12 -2.46 -1.23
C PHE A 555 -42.34 -1.78 -0.10
N LYS A 556 -42.86 -0.64 0.35
CA LYS A 556 -42.23 0.19 1.38
C LYS A 556 -42.22 -0.47 2.77
N GLU A 557 -43.01 -1.52 2.93
CA GLU A 557 -43.16 -2.20 4.22
C GLU A 557 -42.04 -3.19 4.51
N ARG A 558 -41.72 -3.31 5.80
CA ARG A 558 -40.74 -4.29 6.28
C ARG A 558 -41.50 -5.55 6.70
N VAL A 559 -41.44 -6.58 5.86
CA VAL A 559 -42.24 -7.79 6.05
C VAL A 559 -41.51 -8.85 6.88
N ASP A 560 -42.00 -9.08 8.10
CA ASP A 560 -41.47 -10.12 8.98
C ASP A 560 -42.48 -11.26 9.13
N GLU A 561 -42.10 -12.28 9.90
CA GLU A 561 -42.98 -13.39 10.22
C GLU A 561 -44.13 -12.99 11.17
N TYR A 562 -43.94 -11.89 11.89
CA TYR A 562 -45.02 -11.23 12.62
C TYR A 562 -45.08 -9.75 12.25
N ASP A 563 -46.18 -9.10 12.59
CA ASP A 563 -46.27 -7.65 12.49
C ASP A 563 -45.78 -7.06 13.81
N TYR A 564 -44.48 -6.81 13.89
CA TYR A 564 -43.81 -6.45 15.15
C TYR A 564 -44.07 -5.02 15.65
N SER A 565 -44.95 -4.30 14.97
CA SER A 565 -45.37 -2.98 15.41
C SER A 565 -46.32 -3.09 16.61
N LYS A 566 -47.29 -4.00 16.49
CA LYS A 566 -48.25 -4.27 17.57
C LYS A 566 -47.75 -5.39 18.49
N PRO A 567 -48.32 -5.49 19.72
CA PRO A 567 -47.90 -6.51 20.70
C PRO A 567 -47.96 -7.94 20.18
N ILE A 568 -47.00 -8.76 20.60
CA ILE A 568 -46.91 -10.16 20.15
C ILE A 568 -47.77 -11.10 21.01
N GLN A 569 -49.00 -11.36 20.55
CA GLN A 569 -49.95 -12.23 21.25
C GLN A 569 -51.03 -12.75 20.30
N GLY A 570 -52.04 -11.92 20.05
CA GLY A 570 -53.16 -12.29 19.16
C GLY A 570 -52.80 -12.18 17.70
N GLN A 571 -51.73 -12.87 17.30
CA GLN A 571 -51.24 -12.86 15.93
C GLN A 571 -50.93 -14.27 15.46
N GLN A 572 -51.48 -14.64 14.31
CA GLN A 572 -51.15 -15.92 13.69
C GLN A 572 -49.84 -15.78 12.92
N LYS A 573 -48.90 -16.68 13.22
CA LYS A 573 -47.57 -16.66 12.62
C LYS A 573 -47.64 -16.96 11.12
N LYS A 574 -46.99 -16.10 10.32
CA LYS A 574 -46.92 -16.27 8.88
C LYS A 574 -45.99 -17.43 8.53
N PRO A 575 -46.37 -18.27 7.54
CA PRO A 575 -45.52 -19.37 7.08
C PRO A 575 -44.17 -18.86 6.55
N PHE A 576 -43.17 -19.75 6.52
CA PHE A 576 -41.83 -19.40 6.07
C PHE A 576 -41.81 -18.87 4.63
N GLN A 577 -42.68 -19.43 3.79
CA GLN A 577 -42.75 -19.06 2.39
C GLN A 577 -43.82 -18.00 2.11
N GLU A 578 -44.00 -17.06 3.05
CA GLU A 578 -44.99 -15.99 2.91
C GLU A 578 -44.49 -14.63 3.41
N HIS A 579 -43.51 -14.64 4.31
CA HIS A 579 -42.87 -13.39 4.75
C HIS A 579 -41.57 -13.16 3.98
N TRP A 580 -40.70 -12.27 4.50
CA TRP A 580 -39.43 -11.97 3.84
C TRP A 580 -38.23 -11.84 4.78
N ARG A 581 -38.42 -12.25 6.05
CA ARG A 581 -37.34 -12.27 7.01
C ARG A 581 -36.55 -13.57 6.86
N LYS A 582 -35.84 -13.68 5.75
CA LYS A 582 -35.09 -14.88 5.38
C LYS A 582 -33.95 -14.55 4.43
N HIS A 583 -32.95 -15.42 4.39
CA HIS A 583 -31.78 -15.23 3.53
C HIS A 583 -32.04 -15.63 2.09
N THR A 584 -31.65 -14.76 1.16
CA THR A 584 -31.77 -15.05 -0.27
C THR A 584 -30.60 -15.91 -0.73
N LEU A 585 -30.89 -17.16 -1.05
CA LEU A 585 -29.90 -18.06 -1.62
C LEU A 585 -30.02 -18.06 -3.14
N SER A 586 -28.92 -17.73 -3.81
CA SER A 586 -28.92 -17.59 -5.27
C SER A 586 -27.99 -18.56 -5.97
N TYR A 587 -28.58 -19.30 -6.92
CA TYR A 587 -27.81 -20.18 -7.80
C TYR A 587 -27.89 -19.62 -9.22
N VAL A 588 -26.92 -19.98 -10.04
CA VAL A 588 -26.93 -19.58 -11.44
C VAL A 588 -26.32 -20.67 -12.34
N ASP A 589 -27.10 -21.11 -13.33
CA ASP A 589 -26.61 -22.06 -14.32
C ASP A 589 -25.60 -21.34 -15.20
N VAL A 590 -24.37 -21.87 -15.21
CA VAL A 590 -23.24 -21.20 -15.86
C VAL A 590 -23.42 -21.09 -17.38
N LYS A 591 -24.04 -22.10 -17.98
CA LYS A 591 -24.15 -22.18 -19.43
C LYS A 591 -25.28 -21.33 -20.03
N THR A 592 -26.36 -21.13 -19.27
CA THR A 592 -27.52 -20.36 -19.75
C THR A 592 -27.72 -19.02 -19.03
N GLY A 593 -27.08 -18.87 -17.88
CA GLY A 593 -27.20 -17.64 -17.09
C GLY A 593 -28.51 -17.53 -16.31
N LYS A 594 -29.21 -18.65 -16.16
CA LYS A 594 -30.48 -18.66 -15.44
C LYS A 594 -30.25 -18.55 -13.93
N VAL A 595 -30.99 -17.66 -13.29
CA VAL A 595 -30.90 -17.45 -11.84
C VAL A 595 -32.07 -18.13 -11.13
N SER A 596 -31.75 -19.12 -10.29
CA SER A 596 -32.75 -19.80 -9.47
C SER A 596 -32.53 -19.48 -7.99
N LEU A 597 -33.62 -19.21 -7.28
CA LEU A 597 -33.55 -18.74 -5.90
C LEU A 597 -34.19 -19.67 -4.88
N GLU A 598 -33.50 -19.86 -3.77
CA GLU A 598 -34.04 -20.56 -2.60
C GLU A 598 -33.93 -19.63 -1.40
N TYR A 599 -34.53 -20.04 -0.28
CA TYR A 599 -34.52 -19.21 0.93
C TYR A 599 -34.31 -20.03 2.21
N ARG A 600 -33.42 -19.55 3.06
CA ARG A 600 -33.17 -20.19 4.36
C ARG A 600 -33.34 -19.19 5.51
N PRO A 601 -33.82 -19.67 6.68
CA PRO A 601 -34.17 -18.77 7.78
C PRO A 601 -32.97 -18.14 8.45
N VAL A 602 -33.17 -16.95 9.01
CA VAL A 602 -32.14 -16.28 9.79
C VAL A 602 -31.99 -16.96 11.15
N ILE A 603 -30.77 -16.93 11.69
CA ILE A 603 -30.52 -17.51 13.01
C ILE A 603 -30.80 -16.46 14.07
N ASP A 604 -31.71 -16.78 14.98
CA ASP A 604 -32.08 -15.86 16.05
C ASP A 604 -31.45 -16.23 17.39
N LYS A 605 -31.22 -17.51 17.62
CA LYS A 605 -30.59 -17.98 18.85
C LYS A 605 -29.14 -17.52 18.93
N THR A 606 -28.69 -17.23 20.14
CA THR A 606 -27.31 -16.85 20.41
C THR A 606 -26.52 -18.09 20.83
N LEU A 607 -25.23 -17.93 21.05
CA LEU A 607 -24.37 -19.02 21.51
C LEU A 607 -24.60 -19.34 22.99
N ASN A 608 -25.15 -18.36 23.71
CA ASN A 608 -25.52 -18.50 25.11
C ASN A 608 -26.56 -17.46 25.50
N GLU A 609 -27.78 -17.91 25.79
CA GLU A 609 -28.89 -17.03 26.16
C GLU A 609 -28.65 -16.33 27.49
N ALA A 610 -28.07 -17.07 28.44
CA ALA A 610 -27.78 -16.55 29.78
C ALA A 610 -26.72 -15.45 29.77
N ASP A 611 -25.80 -15.53 28.81
CA ASP A 611 -24.71 -14.55 28.70
C ASP A 611 -25.06 -13.42 27.73
N CYS A 612 -25.88 -13.73 26.73
CA CYS A 612 -26.33 -12.73 25.74
C CYS A 612 -27.70 -13.10 25.19
N ALA A 613 -28.71 -12.35 25.62
CA ALA A 613 -30.10 -12.63 25.27
C ALA A 613 -30.42 -12.26 23.82
N THR A 614 -31.27 -13.06 23.19
CA THR A 614 -31.76 -12.82 21.83
C THR A 614 -32.54 -11.50 21.79
N VAL A 615 -32.21 -10.66 20.81
CA VAL A 615 -32.94 -9.41 20.59
C VAL A 615 -33.98 -9.61 19.49
N PRO A 616 -35.28 -9.66 19.88
CA PRO A 616 -36.37 -9.87 18.93
C PRO A 616 -36.58 -8.65 18.02
N PRO A 617 -37.16 -8.87 16.83
CA PRO A 617 -37.43 -7.79 15.86
C PRO A 617 -38.24 -6.64 16.43
N ALA A 618 -37.88 -5.42 16.00
CA ALA A 618 -38.58 -4.20 16.42
C ALA A 618 -38.64 -3.21 15.25
N ILE A 619 -39.19 -2.02 15.52
CA ILE A 619 -39.28 -0.96 14.51
C ILE A 619 -37.89 -0.39 14.21
N ARG A 620 -37.61 -0.16 12.92
CA ARG A 620 -36.31 0.27 12.44
C ARG A 620 -36.26 1.78 12.19
N SER A 621 -35.96 2.55 13.23
CA SER A 621 -35.83 4.01 13.14
C SER A 621 -34.95 4.58 14.26
N TYR A 622 -34.25 5.66 13.94
CA TYR A 622 -33.38 6.34 14.91
C TYR A 622 -33.93 7.73 15.24
N PRO B 9 -11.95 20.42 -28.31
CA PRO B 9 -11.32 19.18 -27.89
C PRO B 9 -9.81 19.33 -27.69
N ARG B 10 -9.34 18.95 -26.50
CA ARG B 10 -7.91 19.04 -26.17
C ARG B 10 -7.24 17.66 -26.29
N ILE B 11 -6.20 17.59 -27.12
CA ILE B 11 -5.47 16.34 -27.36
C ILE B 11 -4.11 16.33 -26.66
N LYS B 12 -3.94 15.40 -25.72
CA LYS B 12 -2.69 15.22 -25.00
C LYS B 12 -1.93 14.00 -25.53
N LYS B 13 -0.61 14.14 -25.67
CA LYS B 13 0.24 13.07 -26.18
C LYS B 13 0.96 12.33 -25.05
N PHE B 14 0.92 10.99 -25.11
CA PHE B 14 1.60 10.15 -24.12
C PHE B 14 2.61 9.22 -24.78
N ALA B 15 3.87 9.30 -24.34
CA ALA B 15 4.92 8.41 -24.81
C ALA B 15 5.27 7.40 -23.72
N ILE B 16 4.93 6.12 -23.96
CA ILE B 16 5.04 5.09 -22.94
C ILE B 16 6.03 3.98 -23.32
N TYR B 17 6.80 3.53 -22.33
CA TYR B 17 7.75 2.44 -22.45
C TYR B 17 7.00 1.12 -22.70
N ARG B 18 7.40 0.39 -23.73
CA ARG B 18 6.74 -0.87 -24.07
C ARG B 18 7.74 -1.99 -24.30
N TRP B 19 7.48 -3.14 -23.69
CA TRP B 19 8.25 -4.36 -23.92
C TRP B 19 7.40 -5.61 -23.73
N ASP B 20 7.47 -6.52 -24.69
CA ASP B 20 6.75 -7.78 -24.62
C ASP B 20 7.73 -8.96 -24.55
N PRO B 21 7.61 -9.78 -23.49
CA PRO B 21 8.47 -10.95 -23.33
C PRO B 21 8.04 -12.12 -24.21
N ASP B 22 6.76 -12.14 -24.58
CA ASP B 22 6.18 -13.23 -25.37
C ASP B 22 6.43 -13.06 -26.87
N LYS B 23 6.82 -11.85 -27.27
CA LYS B 23 7.21 -11.57 -28.66
C LYS B 23 8.70 -11.86 -28.84
N THR B 24 9.02 -12.66 -29.86
CA THR B 24 10.39 -13.10 -30.12
C THR B 24 11.27 -11.94 -30.59
N GLY B 25 12.36 -11.70 -29.86
CA GLY B 25 13.33 -10.66 -30.21
C GLY B 25 12.82 -9.24 -30.12
N ASP B 26 11.81 -9.02 -29.29
CA ASP B 26 11.26 -7.68 -29.10
C ASP B 26 12.16 -6.86 -28.18
N LYS B 27 12.68 -5.76 -28.71
CA LYS B 27 13.51 -4.85 -27.93
C LYS B 27 12.67 -3.71 -27.36
N PRO B 28 13.05 -3.19 -26.17
CA PRO B 28 12.32 -2.08 -25.53
C PRO B 28 12.20 -0.86 -26.44
N HIS B 29 10.99 -0.29 -26.50
CA HIS B 29 10.70 0.84 -27.36
C HIS B 29 9.58 1.72 -26.79
N MET B 30 9.45 2.92 -27.35
CA MET B 30 8.43 3.87 -26.93
C MET B 30 7.25 3.83 -27.87
N GLN B 31 6.05 3.93 -27.31
CA GLN B 31 4.81 3.95 -28.09
C GLN B 31 3.95 5.13 -27.68
N THR B 32 3.48 5.88 -28.67
CA THR B 32 2.72 7.10 -28.41
C THR B 32 1.22 6.88 -28.55
N TYR B 33 0.47 7.39 -27.57
CA TYR B 33 -0.98 7.36 -27.59
C TYR B 33 -1.52 8.78 -27.41
N GLU B 34 -2.52 9.13 -28.21
CA GLU B 34 -3.17 10.44 -28.10
C GLU B 34 -4.55 10.32 -27.45
N ILE B 35 -4.85 11.26 -26.55
CA ILE B 35 -6.07 11.20 -25.73
C ILE B 35 -6.79 12.55 -25.64
N ASP B 36 -8.11 12.50 -25.81
CA ASP B 36 -8.97 13.68 -25.60
C ASP B 36 -9.21 13.86 -24.11
N LEU B 37 -8.87 15.05 -23.60
CA LEU B 37 -8.92 15.33 -22.16
C LEU B 37 -10.32 15.70 -21.63
N ASN B 38 -11.28 15.93 -22.53
CA ASN B 38 -12.64 16.26 -22.15
C ASN B 38 -13.39 15.07 -21.55
N ASN B 39 -13.32 13.93 -22.24
CA ASN B 39 -13.89 12.68 -21.73
C ASN B 39 -12.83 11.77 -21.13
N CYS B 40 -12.03 12.34 -20.22
CA CYS B 40 -11.01 11.60 -19.48
C CYS B 40 -10.79 12.21 -18.10
N GLY B 41 -10.31 11.39 -17.17
CA GLY B 41 -10.03 11.83 -15.81
C GLY B 41 -8.84 12.77 -15.72
N PRO B 42 -8.66 13.41 -14.55
CA PRO B 42 -7.59 14.39 -14.35
C PRO B 42 -6.21 13.75 -14.15
N MET B 43 -6.18 12.51 -13.66
CA MET B 43 -4.92 11.85 -13.28
C MET B 43 -4.33 11.00 -14.39
N VAL B 44 -3.04 10.70 -14.26
CA VAL B 44 -2.31 9.92 -15.28
C VAL B 44 -2.84 8.50 -15.39
N LEU B 45 -3.19 7.89 -14.25
CA LEU B 45 -3.79 6.54 -14.26
C LEU B 45 -5.13 6.55 -14.99
N ASP B 46 -5.92 7.60 -14.77
CA ASP B 46 -7.16 7.81 -15.50
C ASP B 46 -6.93 7.81 -17.01
N ALA B 47 -5.80 8.36 -17.43
CA ALA B 47 -5.40 8.34 -18.83
C ALA B 47 -4.87 6.96 -19.24
N LEU B 48 -4.05 6.36 -18.39
CA LEU B 48 -3.49 5.02 -18.65
C LEU B 48 -4.57 3.97 -18.87
N ILE B 49 -5.61 4.00 -18.04
CA ILE B 49 -6.73 3.06 -18.17
C ILE B 49 -7.59 3.39 -19.39
N LYS B 50 -7.63 4.67 -19.77
CA LYS B 50 -8.41 5.09 -20.93
C LYS B 50 -7.84 4.55 -22.24
N ILE B 51 -6.51 4.49 -22.35
CA ILE B 51 -5.86 3.89 -23.53
C ILE B 51 -5.91 2.37 -23.44
N LYS B 52 -5.92 1.84 -22.21
CA LYS B 52 -6.04 0.40 -21.96
C LYS B 52 -7.42 -0.11 -22.37
N ASN B 53 -8.45 0.67 -22.06
CA ASN B 53 -9.83 0.31 -22.37
C ASN B 53 -10.20 0.46 -23.85
N GLU B 54 -9.59 1.41 -24.53
CA GLU B 54 -10.03 1.81 -25.86
C GLU B 54 -8.96 1.68 -26.95
N ILE B 55 -7.82 2.33 -26.73
CA ILE B 55 -6.79 2.44 -27.76
C ILE B 55 -5.98 1.15 -27.93
N ASP B 56 -5.44 0.64 -26.82
CA ASP B 56 -4.62 -0.57 -26.84
C ASP B 56 -4.73 -1.34 -25.52
N SER B 57 -5.36 -2.52 -25.59
CA SER B 57 -5.50 -3.38 -24.41
C SER B 57 -4.34 -4.36 -24.29
N THR B 58 -3.12 -3.85 -24.50
CA THR B 58 -1.91 -4.63 -24.31
C THR B 58 -1.04 -3.93 -23.27
N LEU B 59 -1.29 -2.62 -23.09
CA LEU B 59 -0.58 -1.82 -22.11
C LEU B 59 -0.77 -2.40 -20.71
N THR B 60 0.22 -3.16 -20.27
CA THR B 60 0.15 -3.87 -19.01
C THR B 60 0.79 -3.03 -17.89
N PHE B 61 0.00 -2.74 -16.87
CA PHE B 61 0.44 -1.95 -15.72
C PHE B 61 -0.28 -2.39 -14.45
N ARG B 62 0.27 -1.98 -13.30
CA ARG B 62 -0.31 -2.32 -12.00
C ARG B 62 -1.21 -1.18 -11.49
N ARG B 63 -2.45 -1.53 -11.14
CA ARG B 63 -3.38 -0.57 -10.56
C ARG B 63 -4.26 -1.27 -9.53
N SER B 64 -4.78 -0.52 -8.56
CA SER B 64 -5.72 -1.06 -7.58
C SER B 64 -6.68 -0.02 -7.04
N CYS B 65 -6.24 0.74 -6.04
CA CYS B 65 -7.13 1.63 -5.29
C CYS B 65 -7.53 2.91 -6.02
N ARG B 66 -6.75 3.30 -7.04
CA ARG B 66 -6.86 4.62 -7.71
C ARG B 66 -7.04 5.79 -6.73
N GLU B 67 -6.53 5.61 -5.51
CA GLU B 67 -6.79 6.51 -4.40
C GLU B 67 -5.50 7.10 -3.85
N GLY B 68 -4.37 6.54 -4.26
CA GLY B 68 -3.06 6.97 -3.78
C GLY B 68 -2.71 6.38 -2.42
N ILE B 69 -3.38 5.30 -2.04
CA ILE B 69 -3.18 4.66 -0.74
C ILE B 69 -3.02 3.13 -0.87
N CYS B 70 -2.33 2.67 -1.91
CA CYS B 70 -1.99 1.26 -2.05
C CYS B 70 -0.56 1.07 -2.56
N GLY B 71 -0.19 1.83 -3.59
CA GLY B 71 1.17 1.84 -4.11
C GLY B 71 1.42 0.92 -5.29
N SER B 72 0.37 0.59 -6.04
CA SER B 72 0.49 -0.28 -7.21
C SER B 72 0.98 0.47 -8.44
N CYS B 73 0.34 1.61 -8.72
CA CYS B 73 0.60 2.36 -9.95
C CYS B 73 1.87 3.22 -9.91
N ALA B 74 2.82 2.85 -9.06
CA ALA B 74 4.07 3.59 -8.92
C ALA B 74 4.92 3.46 -10.17
N MET B 75 5.31 4.59 -10.73
CA MET B 75 6.10 4.63 -11.98
C MET B 75 6.81 5.97 -12.17
N ASN B 76 7.76 6.00 -13.10
CA ASN B 76 8.51 7.21 -13.42
C ASN B 76 7.84 8.04 -14.52
N ILE B 77 7.08 9.05 -14.10
CA ILE B 77 6.43 9.97 -15.04
C ILE B 77 7.18 11.29 -15.08
N ASN B 78 7.65 11.66 -16.27
CA ASN B 78 8.41 12.90 -16.51
C ASN B 78 9.68 13.02 -15.65
N GLY B 79 10.35 11.88 -15.43
CA GLY B 79 11.59 11.85 -14.66
C GLY B 79 11.40 11.94 -13.15
N GLY B 80 10.28 11.41 -12.66
CA GLY B 80 9.98 11.42 -11.23
C GLY B 80 9.11 10.25 -10.84
N ASN B 81 9.53 9.53 -9.79
CA ASN B 81 8.80 8.36 -9.33
C ASN B 81 7.64 8.74 -8.44
N THR B 82 6.43 8.73 -9.00
CA THR B 82 5.20 9.02 -8.25
C THR B 82 4.08 8.08 -8.63
N LEU B 83 2.98 8.17 -7.87
CA LEU B 83 1.78 7.38 -8.15
C LEU B 83 1.00 8.03 -9.28
N ALA B 84 0.62 7.23 -10.26
CA ALA B 84 -0.09 7.71 -11.46
C ALA B 84 -1.48 8.24 -11.15
N CYS B 85 -2.12 7.68 -10.12
CA CYS B 85 -3.46 8.11 -9.71
C CYS B 85 -3.44 9.42 -8.92
N THR B 86 -2.28 9.79 -8.40
CA THR B 86 -2.11 11.03 -7.64
C THR B 86 -1.61 12.16 -8.55
N ARG B 87 -0.68 11.82 -9.44
CA ARG B 87 -0.15 12.77 -10.41
C ARG B 87 -1.20 13.13 -11.44
N ARG B 88 -1.56 14.41 -11.50
CA ARG B 88 -2.49 14.89 -12.51
C ARG B 88 -1.75 15.21 -13.80
N ILE B 89 -2.45 15.06 -14.92
CA ILE B 89 -1.87 15.29 -16.25
C ILE B 89 -1.60 16.77 -16.48
N ASP B 90 -0.45 17.08 -17.06
CA ASP B 90 -0.10 18.44 -17.45
C ASP B 90 -0.98 18.88 -18.61
N THR B 91 -1.79 19.90 -18.36
CA THR B 91 -2.76 20.41 -19.33
C THR B 91 -2.10 21.05 -20.56
N ASN B 92 -0.78 21.24 -20.49
CA ASN B 92 0.00 21.75 -21.63
C ASN B 92 0.07 20.71 -22.75
N LEU B 93 -0.57 21.04 -23.87
CA LEU B 93 -0.74 20.11 -24.98
C LEU B 93 0.51 19.94 -25.83
N ASP B 94 1.34 20.99 -25.87
CA ASP B 94 2.58 20.97 -26.66
C ASP B 94 3.65 20.04 -26.09
N LYS B 95 3.60 19.83 -24.78
CA LYS B 95 4.50 18.90 -24.10
C LYS B 95 3.96 17.47 -24.17
N VAL B 96 4.85 16.52 -24.43
CA VAL B 96 4.50 15.10 -24.47
C VAL B 96 4.93 14.41 -23.19
N SER B 97 3.96 13.83 -22.47
CA SER B 97 4.23 13.12 -21.23
C SER B 97 4.93 11.78 -21.47
N LYS B 98 6.15 11.67 -20.94
CA LYS B 98 6.94 10.45 -21.04
C LYS B 98 6.76 9.60 -19.79
N ILE B 99 6.20 8.40 -19.98
CA ILE B 99 5.93 7.47 -18.89
C ILE B 99 6.87 6.26 -18.97
N TYR B 100 7.65 6.06 -17.91
CA TYR B 100 8.62 4.99 -17.83
C TYR B 100 8.37 4.11 -16.61
N PRO B 101 8.94 2.89 -16.59
CA PRO B 101 8.90 2.07 -15.37
C PRO B 101 9.86 2.60 -14.32
N LEU B 102 9.73 2.12 -13.09
CA LEU B 102 10.64 2.50 -12.00
C LEU B 102 12.10 2.28 -12.41
N PRO B 103 12.95 3.30 -12.19
CA PRO B 103 14.34 3.35 -12.66
C PRO B 103 15.21 2.20 -12.15
N HIS B 104 16.06 1.68 -13.04
CA HIS B 104 16.97 0.57 -12.74
C HIS B 104 16.25 -0.60 -12.06
N MET B 105 15.27 -1.14 -12.77
CA MET B 105 14.53 -2.32 -12.32
C MET B 105 14.36 -3.27 -13.48
N TYR B 106 14.36 -4.57 -13.19
CA TYR B 106 14.11 -5.57 -14.21
C TYR B 106 12.65 -5.50 -14.67
N VAL B 107 12.46 -5.39 -15.98
CA VAL B 107 11.14 -5.24 -16.57
C VAL B 107 10.53 -6.61 -16.86
N ILE B 108 9.42 -6.92 -16.21
CA ILE B 108 8.67 -8.14 -16.47
C ILE B 108 7.92 -7.98 -17.79
N LYS B 109 7.17 -6.89 -17.88
CA LYS B 109 6.45 -6.50 -19.10
C LYS B 109 5.96 -5.05 -18.99
N ASP B 110 6.31 -4.23 -19.97
CA ASP B 110 5.91 -2.82 -20.03
C ASP B 110 6.28 -2.19 -18.68
N LEU B 111 5.35 -1.44 -18.09
CA LEU B 111 5.59 -0.72 -16.85
C LEU B 111 5.46 -1.54 -15.56
N VAL B 112 5.77 -2.83 -15.64
CA VAL B 112 5.69 -3.73 -14.49
C VAL B 112 7.08 -4.23 -14.11
N PRO B 113 7.66 -3.67 -13.03
CA PRO B 113 8.98 -4.06 -12.53
C PRO B 113 8.94 -5.29 -11.63
N ASP B 114 10.08 -5.97 -11.50
CA ASP B 114 10.22 -7.11 -10.60
C ASP B 114 10.61 -6.59 -9.21
N LEU B 115 9.63 -6.51 -8.31
CA LEU B 115 9.83 -5.94 -6.98
C LEU B 115 10.15 -6.99 -5.91
N SER B 116 10.50 -8.20 -6.36
CA SER B 116 10.75 -9.34 -5.46
C SER B 116 11.89 -9.09 -4.49
N ASN B 117 12.99 -8.52 -4.99
CA ASN B 117 14.13 -8.16 -4.15
C ASN B 117 13.73 -7.11 -3.12
N PHE B 118 12.97 -6.11 -3.59
CA PHE B 118 12.49 -5.03 -2.75
C PHE B 118 11.71 -5.57 -1.55
N TYR B 119 10.71 -6.41 -1.81
CA TYR B 119 9.88 -6.99 -0.76
C TYR B 119 10.69 -7.86 0.18
N ALA B 120 11.65 -8.60 -0.39
CA ALA B 120 12.52 -9.50 0.37
C ALA B 120 13.37 -8.74 1.38
N GLN B 121 13.85 -7.57 0.98
CA GLN B 121 14.63 -6.71 1.86
C GLN B 121 13.79 -6.26 3.06
N TYR B 122 12.51 -5.99 2.80
CA TYR B 122 11.56 -5.59 3.84
C TYR B 122 11.29 -6.73 4.81
N LYS B 123 11.48 -7.96 4.35
CA LYS B 123 11.34 -9.15 5.18
C LYS B 123 12.56 -9.34 6.09
N SER B 124 13.71 -8.85 5.64
CA SER B 124 14.99 -9.07 6.34
C SER B 124 15.19 -8.18 7.57
N ILE B 125 14.47 -7.07 7.63
CA ILE B 125 14.57 -6.14 8.77
C ILE B 125 13.66 -6.54 9.93
N GLU B 126 12.74 -7.47 9.67
CA GLU B 126 11.73 -7.93 10.65
C GLU B 126 10.80 -6.81 11.13
N PRO B 127 9.83 -6.42 10.29
CA PRO B 127 8.93 -5.32 10.59
C PRO B 127 7.72 -5.76 11.42
N TYR B 128 7.98 -6.27 12.62
CA TYR B 128 6.94 -6.71 13.54
C TYR B 128 7.37 -6.56 14.99
N LEU B 129 6.40 -6.30 15.87
CA LEU B 129 6.66 -5.99 17.27
C LEU B 129 7.33 -7.15 17.97
N LYS B 130 8.48 -6.88 18.59
CA LYS B 130 9.23 -7.89 19.32
C LYS B 130 9.40 -7.53 20.78
N LYS B 131 8.75 -8.31 21.65
CA LYS B 131 8.90 -8.18 23.09
C LYS B 131 9.81 -9.30 23.61
N LYS B 132 10.63 -8.98 24.61
CA LYS B 132 11.55 -9.95 25.21
C LYS B 132 10.81 -11.06 25.96
N ASP B 133 9.58 -10.79 26.38
CA ASP B 133 8.71 -11.78 26.98
C ASP B 133 7.33 -11.75 26.32
N GLU B 134 7.09 -12.66 25.39
CA GLU B 134 5.84 -12.68 24.62
C GLU B 134 4.84 -13.72 25.12
N SER B 135 4.97 -14.10 26.39
CA SER B 135 4.06 -15.07 27.01
C SER B 135 2.74 -14.43 27.44
N GLN B 136 2.76 -13.11 27.61
CA GLN B 136 1.58 -12.37 28.09
C GLN B 136 0.81 -11.63 26.98
N GLU B 137 1.14 -11.93 25.73
CA GLU B 137 0.48 -11.27 24.59
C GLU B 137 -0.87 -11.91 24.24
N GLY B 138 -1.78 -11.09 23.72
CA GLY B 138 -3.12 -11.53 23.34
C GLY B 138 -4.19 -11.26 24.37
N LYS B 139 -3.79 -10.71 25.53
CA LYS B 139 -4.74 -10.43 26.61
C LYS B 139 -4.63 -9.00 27.17
N GLN B 140 -3.41 -8.48 27.26
CA GLN B 140 -3.19 -7.12 27.73
C GLN B 140 -2.86 -6.20 26.56
N GLN B 141 -3.52 -5.04 26.51
CA GLN B 141 -3.14 -4.00 25.54
C GLN B 141 -1.90 -3.26 26.03
N TYR B 142 -0.88 -3.17 25.17
CA TYR B 142 0.36 -2.49 25.52
C TYR B 142 0.13 -0.99 25.63
N LEU B 143 0.65 -0.40 26.71
CA LEU B 143 0.52 1.03 26.95
C LEU B 143 1.58 1.82 26.20
N GLN B 144 1.14 2.87 25.51
CA GLN B 144 2.02 3.78 24.79
C GLN B 144 1.50 5.20 24.98
N SER B 145 2.34 6.07 25.55
CA SER B 145 1.96 7.45 25.83
C SER B 145 1.73 8.23 24.54
N ILE B 146 0.83 9.21 24.61
CA ILE B 146 0.44 10.02 23.44
C ILE B 146 1.64 10.66 22.72
N GLU B 147 2.70 10.97 23.48
CA GLU B 147 3.93 11.55 22.92
C GLU B 147 4.76 10.51 22.18
N GLU B 148 4.78 9.28 22.70
CA GLU B 148 5.46 8.15 22.05
C GLU B 148 4.77 7.76 20.75
N ARG B 149 3.48 8.08 20.67
CA ARG B 149 2.69 7.85 19.47
C ARG B 149 2.99 8.89 18.38
N GLU B 150 3.28 10.12 18.80
CA GLU B 150 3.70 11.20 17.89
C GLU B 150 4.98 10.86 17.15
N LYS B 151 5.84 10.07 17.80
CA LYS B 151 7.12 9.62 17.25
C LYS B 151 6.98 8.80 15.97
N LEU B 152 5.85 8.11 15.83
CA LEU B 152 5.61 7.23 14.68
C LEU B 152 5.02 7.96 13.48
N ASP B 153 4.54 9.19 13.69
CA ASP B 153 4.02 10.00 12.60
C ASP B 153 5.10 10.30 11.57
N GLY B 154 4.73 10.19 10.31
CA GLY B 154 5.67 10.38 9.20
C GLY B 154 6.43 9.12 8.84
N LEU B 155 6.20 8.04 9.59
CA LEU B 155 6.92 6.80 9.41
C LEU B 155 6.02 5.61 9.06
N TYR B 156 4.92 5.46 9.81
CA TYR B 156 3.97 4.34 9.61
C TYR B 156 3.19 4.47 8.31
N GLU B 157 3.00 5.71 7.86
CA GLU B 157 2.17 6.02 6.69
C GLU B 157 2.69 5.40 5.40
N CYS B 158 3.95 5.00 5.41
CA CYS B 158 4.60 4.42 4.22
C CYS B 158 3.74 3.35 3.56
N ILE B 159 3.60 3.47 2.25
CA ILE B 159 2.72 2.60 1.49
C ILE B 159 3.50 1.49 0.76
N LEU B 160 4.82 1.61 0.76
CA LEU B 160 5.75 0.67 0.09
C LEU B 160 5.58 0.65 -1.42
N CYS B 161 5.52 1.84 -2.02
CA CYS B 161 5.39 2.01 -3.46
C CYS B 161 6.72 1.79 -4.18
N ALA B 162 7.80 1.80 -3.39
CA ALA B 162 9.17 1.64 -3.88
C ALA B 162 9.70 2.84 -4.69
N CYS B 163 8.90 3.92 -4.76
CA CYS B 163 9.29 5.14 -5.47
C CYS B 163 10.62 5.70 -4.99
N CYS B 164 10.79 5.81 -3.66
CA CYS B 164 11.97 6.41 -3.06
C CYS B 164 13.23 5.58 -3.27
N SER B 165 13.15 4.29 -2.97
CA SER B 165 14.29 3.38 -3.13
C SER B 165 14.75 3.32 -4.59
N THR B 166 13.79 3.24 -5.50
CA THR B 166 14.10 3.13 -6.93
C THR B 166 14.50 4.47 -7.57
N SER B 167 14.53 5.53 -6.76
CA SER B 167 15.03 6.83 -7.19
C SER B 167 16.45 7.06 -6.71
N CYS B 168 16.86 6.27 -5.72
CA CYS B 168 18.19 6.37 -5.15
C CYS B 168 19.25 5.83 -6.11
N PRO B 169 20.21 6.70 -6.50
CA PRO B 169 21.32 6.30 -7.36
C PRO B 169 22.17 5.19 -6.74
N SER B 170 22.31 5.21 -5.41
CA SER B 170 23.06 4.19 -4.69
C SER B 170 22.31 2.85 -4.68
N TYR B 171 20.99 2.91 -4.73
CA TYR B 171 20.16 1.71 -4.80
C TYR B 171 20.13 1.12 -6.21
N TRP B 172 20.50 1.94 -7.20
CA TRP B 172 20.68 1.45 -8.56
C TRP B 172 21.95 0.61 -8.64
N TRP B 173 23.05 1.16 -8.13
CA TRP B 173 24.35 0.51 -8.22
C TRP B 173 24.49 -0.68 -7.27
N ASN B 174 23.86 -0.59 -6.11
CA ASN B 174 23.99 -1.62 -5.09
C ASN B 174 22.67 -2.14 -4.54
N GLY B 175 21.72 -2.39 -5.43
CA GLY B 175 20.40 -2.87 -5.06
C GLY B 175 20.38 -4.19 -4.31
N ASP B 176 21.41 -5.02 -4.54
CA ASP B 176 21.48 -6.35 -3.94
C ASP B 176 21.87 -6.33 -2.45
N LYS B 177 22.77 -5.43 -2.08
CA LYS B 177 23.35 -5.43 -0.72
C LYS B 177 22.90 -4.23 0.13
N TYR B 178 22.45 -3.17 -0.54
CA TYR B 178 21.90 -1.99 0.14
C TYR B 178 20.39 -2.07 0.18
N LEU B 179 19.83 -1.88 1.38
CA LEU B 179 18.40 -2.03 1.60
C LEU B 179 17.57 -0.94 0.93
N GLY B 180 18.04 0.30 1.02
CA GLY B 180 17.36 1.42 0.38
C GLY B 180 16.43 2.18 1.31
N PRO B 181 16.05 3.41 0.90
CA PRO B 181 15.18 4.39 1.58
C PRO B 181 13.93 3.81 2.25
N ALA B 182 13.08 3.15 1.45
CA ALA B 182 11.81 2.60 1.93
C ALA B 182 11.97 1.58 3.04
N VAL B 183 12.90 0.66 2.84
CA VAL B 183 13.14 -0.44 3.77
C VAL B 183 13.79 0.06 5.05
N LEU B 184 14.76 0.98 4.90
CA LEU B 184 15.48 1.54 6.04
C LEU B 184 14.59 2.36 6.96
N MET B 185 13.66 3.13 6.38
CA MET B 185 12.74 3.94 7.16
C MET B 185 11.84 3.08 8.04
N GLN B 186 11.48 1.89 7.52
CA GLN B 186 10.67 0.93 8.27
C GLN B 186 11.46 0.29 9.40
N ALA B 187 12.75 0.07 9.18
CA ALA B 187 13.64 -0.41 10.24
C ALA B 187 13.66 0.61 11.37
N TYR B 188 13.73 1.89 11.01
CA TYR B 188 13.69 2.99 11.96
C TYR B 188 12.32 3.06 12.65
N ARG B 189 11.27 2.84 11.88
CA ARG B 189 9.88 2.83 12.36
C ARG B 189 9.69 1.85 13.52
N TRP B 190 10.42 0.75 13.48
CA TRP B 190 10.35 -0.27 14.53
C TRP B 190 11.42 -0.09 15.60
N MET B 191 12.34 0.85 15.37
CA MET B 191 13.37 1.17 16.35
C MET B 191 12.82 2.08 17.44
N ILE B 192 12.21 3.19 17.04
CA ILE B 192 11.71 4.19 17.99
C ILE B 192 10.34 3.84 18.59
N ASP B 193 9.72 2.76 18.11
CA ASP B 193 8.47 2.29 18.67
C ASP B 193 8.71 1.87 20.13
N SER B 194 8.01 2.54 21.04
CA SER B 194 8.22 2.38 22.48
C SER B 194 7.84 0.99 23.00
N ARG B 195 7.11 0.24 22.19
CA ARG B 195 6.67 -1.10 22.56
C ARG B 195 7.70 -2.17 22.19
N ASP B 196 8.55 -1.86 21.21
CA ASP B 196 9.58 -2.79 20.74
C ASP B 196 10.75 -2.89 21.71
N ASP B 197 11.13 -4.13 22.04
CA ASP B 197 12.21 -4.39 22.99
C ASP B 197 13.55 -4.65 22.31
N PHE B 198 13.52 -4.88 21.00
CA PHE B 198 14.70 -5.30 20.25
C PHE B 198 15.42 -4.16 19.53
N THR B 199 15.34 -2.96 20.10
CA THR B 199 15.93 -1.75 19.51
C THR B 199 17.45 -1.88 19.26
N GLU B 200 18.13 -2.59 20.15
CA GLU B 200 19.59 -2.73 20.09
C GLU B 200 20.03 -3.61 18.91
N GLU B 201 19.50 -4.82 18.85
CA GLU B 201 19.87 -5.80 17.82
C GLU B 201 19.35 -5.45 16.43
N ARG B 202 18.35 -4.57 16.37
CA ARG B 202 17.86 -4.04 15.09
C ARG B 202 18.89 -3.11 14.46
N LEU B 203 19.71 -2.49 15.29
CA LEU B 203 20.82 -1.65 14.83
C LEU B 203 22.04 -2.48 14.48
N ALA B 204 22.27 -3.55 15.26
CA ALA B 204 23.39 -4.46 15.05
C ALA B 204 23.27 -5.24 13.74
N LYS B 205 22.05 -5.36 13.24
CA LYS B 205 21.76 -6.04 11.97
C LYS B 205 22.21 -5.21 10.78
N LEU B 206 22.65 -3.97 11.06
CA LEU B 206 23.09 -3.04 10.01
C LEU B 206 24.60 -2.76 10.08
N GLN B 207 25.34 -3.61 10.78
CA GLN B 207 26.76 -3.35 11.04
C GLN B 207 27.71 -3.79 9.92
N ASP B 208 27.21 -3.81 8.69
CA ASP B 208 28.06 -4.00 7.52
C ASP B 208 28.05 -2.71 6.68
N PRO B 209 29.03 -2.55 5.77
CA PRO B 209 29.15 -1.32 4.99
C PRO B 209 28.05 -1.10 3.94
N PHE B 210 27.21 -2.11 3.71
CA PHE B 210 26.23 -2.06 2.62
C PHE B 210 24.78 -1.81 3.05
N SER B 211 24.34 -2.45 4.13
CA SER B 211 22.94 -2.39 4.56
C SER B 211 22.43 -0.96 4.78
N LEU B 212 23.21 -0.18 5.52
CA LEU B 212 22.84 1.21 5.84
C LEU B 212 23.83 2.21 5.25
N TYR B 213 25.13 1.91 5.36
CA TYR B 213 26.17 2.87 5.03
C TYR B 213 26.47 3.05 3.55
N ARG B 214 25.54 2.62 2.70
CA ARG B 214 25.65 2.86 1.27
C ARG B 214 24.91 4.15 0.89
N CYS B 215 24.18 4.69 1.87
CA CYS B 215 23.54 6.00 1.73
C CYS B 215 24.59 7.09 1.83
N HIS B 216 24.44 8.13 1.00
CA HIS B 216 25.35 9.27 1.01
C HIS B 216 24.55 10.59 1.03
N THR B 217 23.32 10.51 1.53
CA THR B 217 22.37 11.64 1.58
C THR B 217 22.25 12.40 0.25
N ILE B 218 21.93 11.66 -0.81
CA ILE B 218 21.66 12.25 -2.13
C ILE B 218 20.28 12.90 -2.14
N MET B 219 19.39 12.41 -1.26
CA MET B 219 18.07 13.00 -1.00
C MET B 219 17.05 12.86 -2.13
N ASN B 220 17.29 11.95 -3.07
CA ASN B 220 16.32 11.69 -4.13
C ASN B 220 15.08 10.97 -3.60
N CYS B 221 15.26 10.26 -2.49
CA CYS B 221 14.19 9.49 -1.83
C CYS B 221 13.05 10.37 -1.32
N THR B 222 13.39 11.36 -0.49
CA THR B 222 12.40 12.24 0.12
C THR B 222 11.81 13.20 -0.90
N GLY B 223 12.60 13.55 -1.90
CA GLY B 223 12.19 14.46 -2.96
C GLY B 223 11.13 13.88 -3.88
N THR B 224 11.18 12.57 -4.11
CA THR B 224 10.27 11.93 -5.05
C THR B 224 9.08 11.23 -4.40
N CYS B 225 9.11 11.11 -3.07
CA CYS B 225 8.05 10.41 -2.34
C CYS B 225 6.67 10.99 -2.66
N PRO B 226 5.76 10.14 -3.19
CA PRO B 226 4.42 10.60 -3.57
C PRO B 226 3.55 10.93 -2.35
N LYS B 227 3.85 10.33 -1.20
CA LYS B 227 3.12 10.58 0.04
C LYS B 227 3.73 11.69 0.88
N GLY B 228 4.82 12.29 0.39
CA GLY B 228 5.46 13.43 1.03
C GLY B 228 6.35 13.09 2.22
N LEU B 229 6.59 11.80 2.44
CA LEU B 229 7.38 11.31 3.57
C LEU B 229 8.87 11.59 3.41
N ASN B 230 9.62 11.42 4.49
CA ASN B 230 11.03 11.83 4.53
C ASN B 230 11.93 10.68 4.99
N PRO B 231 12.17 9.68 4.12
CA PRO B 231 12.98 8.51 4.49
C PRO B 231 14.43 8.90 4.80
N GLY B 232 14.99 9.79 3.99
CA GLY B 232 16.37 10.25 4.17
C GLY B 232 16.65 10.82 5.55
N LYS B 233 15.72 11.63 6.04
CA LYS B 233 15.80 12.17 7.40
C LYS B 233 15.92 11.03 8.41
N ALA B 234 15.05 10.03 8.28
CA ALA B 234 15.07 8.87 9.17
C ALA B 234 16.38 8.09 9.07
N ILE B 235 16.88 7.95 7.84
CA ILE B 235 18.15 7.25 7.58
C ILE B 235 19.31 7.93 8.29
N ALA B 236 19.34 9.26 8.26
CA ALA B 236 20.34 10.04 8.97
C ALA B 236 20.18 9.92 10.48
N GLU B 237 18.94 9.70 10.92
CA GLU B 237 18.64 9.51 12.34
C GLU B 237 19.08 8.12 12.80
N ILE B 238 19.02 7.14 11.91
CA ILE B 238 19.54 5.78 12.18
C ILE B 238 21.04 5.85 12.40
N LYS B 239 21.75 6.51 11.47
CA LYS B 239 23.20 6.66 11.54
C LYS B 239 23.63 7.25 12.88
N LYS B 240 22.84 8.19 13.38
CA LYS B 240 23.06 8.80 14.70
C LYS B 240 22.92 7.80 15.84
N MET B 241 21.93 6.90 15.72
CA MET B 241 21.71 5.86 16.73
C MET B 241 22.84 4.85 16.73
N MET B 242 23.41 4.59 15.55
CA MET B 242 24.47 3.60 15.36
C MET B 242 25.77 3.99 16.07
N ALA B 243 26.02 5.29 16.17
CA ALA B 243 27.23 5.81 16.80
C ALA B 243 27.07 6.00 18.31
N THR B 244 25.82 6.02 18.78
CA THR B 244 25.51 6.34 20.17
C THR B 244 25.16 5.13 21.04
N TYR B 245 24.47 4.14 20.46
CA TYR B 245 24.02 2.96 21.20
C TYR B 245 25.18 2.13 21.73
N LYS B 246 25.02 1.61 22.95
CA LYS B 246 26.07 0.82 23.59
C LYS B 246 25.68 -0.65 23.77
N GLU B 247 26.63 -1.45 24.26
CA GLU B 247 26.47 -2.90 24.45
C GLU B 247 26.16 -3.61 23.13
N THR C 3 9.75 -20.29 3.06
CA THR C 3 10.89 -19.53 2.48
C THR C 3 11.35 -18.40 3.41
N THR C 4 12.64 -18.07 3.33
CA THR C 4 13.22 -16.99 4.15
C THR C 4 13.58 -15.76 3.29
N ALA C 5 13.96 -14.68 3.97
CA ALA C 5 14.29 -13.42 3.31
C ALA C 5 15.54 -13.51 2.44
N LYS C 6 16.52 -14.28 2.91
CA LYS C 6 17.79 -14.46 2.19
C LYS C 6 17.61 -15.38 0.97
N GLU C 7 16.68 -16.32 1.06
CA GLU C 7 16.37 -17.23 -0.03
C GLU C 7 15.61 -16.52 -1.16
N GLU C 8 14.77 -15.56 -0.80
CA GLU C 8 14.00 -14.77 -1.77
C GLU C 8 14.92 -13.88 -2.61
N MET C 9 15.95 -13.33 -1.96
CA MET C 9 16.95 -12.51 -2.63
C MET C 9 17.85 -13.36 -3.54
N GLU C 10 18.13 -14.57 -3.08
CA GLU C 10 19.01 -15.49 -3.81
C GLU C 10 18.31 -16.02 -5.07
N ARG C 11 17.00 -16.20 -4.98
CA ARG C 11 16.20 -16.68 -6.10
C ARG C 11 15.76 -15.55 -7.03
N PHE C 12 15.84 -14.31 -6.53
CA PHE C 12 15.54 -13.13 -7.33
C PHE C 12 16.56 -12.99 -8.46
N TRP C 13 17.84 -12.98 -8.11
CA TRP C 13 18.92 -12.76 -9.06
C TRP C 13 19.10 -13.93 -10.03
N ASN C 14 18.90 -15.14 -9.53
CA ASN C 14 18.98 -16.35 -10.34
C ASN C 14 17.92 -16.38 -11.45
N LYS C 15 16.77 -15.78 -11.18
CA LYS C 15 15.66 -15.71 -12.13
C LYS C 15 15.88 -14.65 -13.21
N ASN C 16 16.27 -13.45 -12.78
CA ASN C 16 16.35 -12.30 -13.69
C ASN C 16 17.58 -12.30 -14.60
N LEU C 17 18.73 -12.70 -14.06
CA LEU C 17 19.97 -12.74 -14.85
C LEU C 17 19.95 -13.83 -15.91
N GLY C 18 19.26 -14.93 -15.62
CA GLY C 18 19.08 -16.02 -16.57
C GLY C 18 17.85 -15.86 -17.45
N SER C 19 17.45 -14.60 -17.66
CA SER C 19 16.31 -14.27 -18.51
C SER C 19 16.57 -12.99 -19.31
N ASN C 20 15.87 -12.84 -20.43
CA ASN C 20 16.06 -11.70 -21.32
C ASN C 20 15.26 -10.45 -20.91
N ARG C 21 15.07 -10.27 -19.61
CA ARG C 21 14.39 -9.09 -19.07
C ARG C 21 15.33 -7.88 -19.09
N PRO C 22 14.86 -6.74 -19.61
CA PRO C 22 15.68 -5.53 -19.70
C PRO C 22 15.69 -4.71 -18.41
N LEU C 23 16.82 -4.07 -18.12
CA LEU C 23 16.89 -3.11 -17.03
C LEU C 23 16.22 -1.81 -17.49
N SER C 24 15.25 -1.35 -16.71
CA SER C 24 14.55 -0.11 -17.01
C SER C 24 15.51 1.07 -16.92
N PRO C 25 15.44 2.01 -17.90
CA PRO C 25 16.32 3.17 -17.94
C PRO C 25 16.35 3.95 -16.62
N HIS C 26 17.50 4.56 -16.31
CA HIS C 26 17.68 5.27 -15.04
C HIS C 26 18.37 6.62 -15.20
N ILE C 27 19.63 6.62 -15.62
CA ILE C 27 20.38 7.86 -15.83
C ILE C 27 19.83 8.66 -17.02
N THR C 28 19.31 7.94 -18.02
CA THR C 28 18.79 8.52 -19.25
C THR C 28 17.50 9.30 -19.02
N ILE C 29 16.70 8.85 -18.06
CA ILE C 29 15.32 9.33 -17.91
C ILE C 29 15.04 10.24 -16.71
N TYR C 30 15.80 10.05 -15.62
CA TYR C 30 15.50 10.74 -14.36
C TYR C 30 15.79 12.23 -14.43
N ARG C 31 14.84 13.02 -13.93
CA ARG C 31 14.91 14.48 -13.99
C ARG C 31 15.92 15.06 -13.00
N TRP C 32 16.78 15.93 -13.50
CA TRP C 32 17.83 16.57 -12.71
C TRP C 32 17.27 17.63 -11.77
N SER C 33 18.02 17.91 -10.71
CA SER C 33 17.73 19.00 -9.78
C SER C 33 19.04 19.49 -9.17
N LEU C 34 19.00 20.63 -8.48
CA LEU C 34 20.20 21.18 -7.83
C LEU C 34 20.79 20.24 -6.77
N PRO C 35 19.96 19.68 -5.86
CA PRO C 35 20.47 18.71 -4.89
C PRO C 35 21.22 17.57 -5.56
N MET C 36 20.60 16.99 -6.59
CA MET C 36 21.21 15.93 -7.38
C MET C 36 22.60 16.32 -7.88
N ALA C 37 22.65 17.33 -8.74
CA ALA C 37 23.89 17.79 -9.37
C ALA C 37 25.01 18.09 -8.37
N MET C 38 24.64 18.64 -7.21
CA MET C 38 25.60 19.04 -6.18
C MET C 38 26.29 17.87 -5.45
N SER C 39 25.71 16.67 -5.58
CA SER C 39 26.33 15.48 -5.01
C SER C 39 27.36 14.89 -5.99
N ILE C 40 27.11 15.05 -7.29
CA ILE C 40 28.06 14.65 -8.33
C ILE C 40 29.36 15.45 -8.18
N CYS C 41 29.22 16.75 -7.96
CA CYS C 41 30.36 17.66 -7.83
C CYS C 41 31.20 17.35 -6.58
N HIS C 42 30.52 16.99 -5.49
CA HIS C 42 31.21 16.66 -4.24
C HIS C 42 32.10 15.42 -4.40
N ARG C 43 31.64 14.47 -5.21
CA ARG C 43 32.45 13.33 -5.61
C ARG C 43 33.60 13.78 -6.50
N GLY C 44 33.26 14.52 -7.55
CA GLY C 44 34.25 15.05 -8.49
C GLY C 44 35.34 15.83 -7.80
N THR C 45 34.95 16.82 -7.00
CA THR C 45 35.89 17.65 -6.25
C THR C 45 36.72 16.82 -5.27
N GLY C 46 36.08 15.88 -4.58
CA GLY C 46 36.76 14.98 -3.66
C GLY C 46 37.84 14.15 -4.34
N ILE C 47 37.49 13.59 -5.50
CA ILE C 47 38.41 12.79 -6.30
C ILE C 47 39.53 13.66 -6.89
N ALA C 48 39.16 14.83 -7.42
CA ALA C 48 40.13 15.76 -8.01
C ALA C 48 41.13 16.28 -6.97
N LEU C 49 40.65 16.56 -5.76
CA LEU C 49 41.48 17.03 -4.66
C LEU C 49 42.43 15.94 -4.16
N SER C 50 41.91 14.71 -4.06
CA SER C 50 42.74 13.55 -3.68
C SER C 50 43.81 13.27 -4.73
N ALA C 51 43.46 13.49 -6.00
CA ALA C 51 44.40 13.35 -7.11
C ALA C 51 45.47 14.44 -7.05
N GLY C 52 45.06 15.64 -6.64
CA GLY C 52 45.98 16.77 -6.49
C GLY C 52 46.97 16.57 -5.37
N VAL C 53 46.47 16.10 -4.22
CA VAL C 53 47.31 15.80 -3.06
C VAL C 53 48.29 14.67 -3.37
N SER C 54 47.78 13.63 -4.02
CA SER C 54 48.60 12.48 -4.39
C SER C 54 49.71 12.84 -5.37
N LEU C 55 49.39 13.65 -6.38
CA LEU C 55 50.39 14.11 -7.34
C LEU C 55 51.47 14.97 -6.68
N PHE C 56 51.08 15.72 -5.65
CA PHE C 56 52.01 16.56 -4.92
C PHE C 56 52.93 15.73 -4.03
N GLY C 57 52.40 14.65 -3.46
CA GLY C 57 53.17 13.75 -2.61
C GLY C 57 54.06 12.81 -3.40
N LEU C 58 53.50 12.19 -4.44
CA LEU C 58 54.22 11.22 -5.26
C LEU C 58 55.38 11.81 -6.04
N SER C 59 55.22 13.06 -6.51
CA SER C 59 56.29 13.76 -7.23
C SER C 59 57.48 14.08 -6.32
N ALA C 60 57.20 14.28 -5.04
CA ALA C 60 58.24 14.58 -4.05
C ALA C 60 59.24 13.42 -3.89
N LEU C 61 58.74 12.20 -4.03
CA LEU C 61 59.58 11.00 -3.90
C LEU C 61 60.20 10.58 -5.23
N LEU C 62 59.54 10.93 -6.32
CA LEU C 62 59.97 10.48 -7.65
C LEU C 62 60.79 11.52 -8.42
N LEU C 63 60.31 12.77 -8.45
CA LEU C 63 60.99 13.83 -9.18
C LEU C 63 62.13 14.46 -8.37
N PRO C 64 63.29 14.67 -9.01
CA PRO C 64 64.47 15.23 -8.35
C PRO C 64 64.37 16.74 -8.12
N GLY C 65 65.22 17.25 -7.22
CA GLY C 65 65.29 18.68 -6.93
C GLY C 65 64.42 19.11 -5.76
N ASN C 66 64.65 20.32 -5.27
CA ASN C 66 63.82 20.90 -4.21
C ASN C 66 62.64 21.68 -4.80
N PHE C 67 61.75 22.16 -3.92
CA PHE C 67 60.54 22.86 -4.32
C PHE C 67 60.83 24.20 -5.02
N GLU C 68 61.89 24.88 -4.58
CA GLU C 68 62.31 26.15 -5.17
C GLU C 68 62.79 26.01 -6.61
N SER C 69 63.36 24.85 -6.92
CA SER C 69 63.80 24.52 -8.27
C SER C 69 62.61 24.40 -9.22
N HIS C 70 61.51 23.86 -8.70
CA HIS C 70 60.28 23.68 -9.48
C HIS C 70 59.51 24.98 -9.68
N LEU C 71 59.68 25.94 -8.76
CA LEU C 71 59.04 27.24 -8.87
C LEU C 71 59.67 28.09 -9.97
N GLU C 72 61.01 28.04 -10.07
CA GLU C 72 61.76 28.77 -11.08
C GLU C 72 61.51 28.20 -12.49
N LEU C 73 61.08 26.94 -12.53
CA LEU C 73 60.72 26.26 -13.78
C LEU C 73 59.40 26.81 -14.35
N VAL C 74 58.48 27.16 -13.46
CA VAL C 74 57.21 27.77 -13.84
C VAL C 74 57.41 29.22 -14.27
N LYS C 75 58.37 29.88 -13.62
CA LYS C 75 58.70 31.28 -13.89
C LYS C 75 59.27 31.51 -15.30
N SER C 76 59.63 30.42 -15.99
CA SER C 76 60.15 30.46 -17.35
C SER C 76 59.16 31.09 -18.33
N LEU C 77 57.89 30.72 -18.20
CA LEU C 77 56.81 31.33 -18.98
C LEU C 77 56.42 32.69 -18.42
N CYS C 78 55.69 33.47 -19.21
CA CYS C 78 55.22 34.80 -18.79
C CYS C 78 54.17 34.69 -17.67
N LEU C 79 54.49 35.30 -16.53
CA LEU C 79 53.58 35.34 -15.38
C LEU C 79 52.48 36.38 -15.59
N GLY C 80 51.53 36.06 -16.46
CA GLY C 80 50.43 36.95 -16.80
C GLY C 80 49.56 37.26 -15.59
N PRO C 81 49.27 38.56 -15.36
CA PRO C 81 48.49 39.00 -14.20
C PRO C 81 47.12 38.32 -14.09
N THR C 82 46.45 38.14 -15.23
CA THR C 82 45.16 37.46 -15.29
C THR C 82 45.28 36.03 -15.79
N LEU C 83 46.43 35.70 -16.38
CA LEU C 83 46.68 34.35 -16.87
C LEU C 83 47.04 33.39 -15.73
N ILE C 84 47.78 33.90 -14.74
CA ILE C 84 48.13 33.12 -13.55
C ILE C 84 46.94 33.07 -12.59
N TYR C 85 46.02 34.01 -12.76
CA TYR C 85 44.77 34.05 -12.00
C TYR C 85 43.89 32.85 -12.33
N THR C 86 43.97 32.40 -13.58
CA THR C 86 43.24 31.22 -14.06
C THR C 86 43.68 29.97 -13.30
N ALA C 87 45.00 29.80 -13.14
CA ALA C 87 45.56 28.68 -12.40
C ALA C 87 45.26 28.79 -10.90
N LYS C 88 45.37 30.01 -10.37
CA LYS C 88 45.13 30.28 -8.96
C LYS C 88 43.66 30.07 -8.59
N PHE C 89 42.76 30.41 -9.50
CA PHE C 89 41.32 30.22 -9.33
C PHE C 89 40.94 28.75 -9.50
N GLY C 90 41.54 28.10 -10.50
CA GLY C 90 41.25 26.70 -10.83
C GLY C 90 41.66 25.68 -9.77
N ILE C 91 42.52 26.10 -8.85
CA ILE C 91 42.94 25.26 -7.74
C ILE C 91 41.97 25.40 -6.56
N VAL C 92 41.67 26.65 -6.20
CA VAL C 92 40.84 26.95 -5.04
C VAL C 92 39.35 26.64 -5.25
N PHE C 93 38.86 26.89 -6.47
CA PHE C 93 37.44 26.70 -6.79
C PHE C 93 36.87 25.33 -6.38
N PRO C 94 37.52 24.22 -6.80
CA PRO C 94 37.00 22.92 -6.35
C PRO C 94 37.22 22.69 -4.86
N LEU C 95 38.32 23.20 -4.31
CA LEU C 95 38.66 23.03 -2.90
C LEU C 95 37.63 23.69 -1.99
N MET C 96 37.25 24.91 -2.34
CA MET C 96 36.31 25.69 -1.53
C MET C 96 34.88 25.19 -1.64
N TYR C 97 34.48 24.78 -2.84
CA TYR C 97 33.17 24.15 -3.04
C TYR C 97 33.03 22.93 -2.13
N HIS C 98 34.03 22.05 -2.18
CA HIS C 98 34.04 20.82 -1.39
C HIS C 98 34.07 21.10 0.11
N THR C 99 34.76 22.17 0.50
CA THR C 99 34.82 22.59 1.90
C THR C 99 33.46 23.06 2.41
N TRP C 100 32.83 23.97 1.65
CA TRP C 100 31.51 24.50 1.99
C TRP C 100 30.43 23.40 1.95
N ASN C 101 30.41 22.61 0.89
CA ASN C 101 29.48 21.49 0.74
C ASN C 101 29.74 20.38 1.75
N GLY C 102 31.00 20.25 2.16
CA GLY C 102 31.40 19.31 3.21
C GLY C 102 30.80 19.65 4.56
N ILE C 103 30.74 20.94 4.87
CA ILE C 103 30.07 21.44 6.08
C ILE C 103 28.57 21.11 6.02
N ARG C 104 27.97 21.30 4.85
CA ARG C 104 26.55 21.00 4.65
C ARG C 104 26.26 19.53 4.88
N HIS C 105 27.18 18.67 4.42
CA HIS C 105 27.11 17.23 4.69
C HIS C 105 27.19 16.93 6.19
N LEU C 106 28.08 17.65 6.88
CA LEU C 106 28.26 17.49 8.32
C LEU C 106 27.05 17.98 9.10
N ILE C 107 26.42 19.04 8.60
CA ILE C 107 25.16 19.55 9.16
C ILE C 107 24.06 18.49 9.01
N TRP C 108 24.06 17.80 7.87
CA TRP C 108 23.10 16.73 7.61
C TRP C 108 23.28 15.54 8.54
N ASP C 109 24.53 15.09 8.69
CA ASP C 109 24.85 13.94 9.53
C ASP C 109 24.54 14.22 11.00
N LEU C 110 24.51 15.49 11.35
CA LEU C 110 24.10 15.95 12.67
C LEU C 110 22.58 15.83 12.83
N GLY C 111 21.87 15.75 11.70
CA GLY C 111 20.43 15.52 11.69
C GLY C 111 19.59 16.69 11.22
N LYS C 112 20.22 17.84 11.01
CA LYS C 112 19.50 19.09 10.72
C LYS C 112 19.51 19.50 9.24
N GLY C 113 18.42 20.12 8.81
CA GLY C 113 18.30 20.70 7.48
C GLY C 113 18.00 19.71 6.37
N LEU C 114 17.16 18.72 6.66
CA LEU C 114 16.85 17.66 5.70
C LEU C 114 15.44 17.72 5.12
N THR C 115 14.91 18.92 4.93
CA THR C 115 13.66 19.11 4.19
C THR C 115 13.99 19.59 2.79
N ILE C 116 13.08 19.34 1.85
CA ILE C 116 13.26 19.73 0.44
C ILE C 116 13.48 21.24 0.22
N PRO C 117 12.72 22.11 0.94
CA PRO C 117 13.03 23.53 0.87
C PRO C 117 14.42 23.87 1.42
N GLN C 118 14.74 23.41 2.63
CA GLN C 118 16.02 23.70 3.29
C GLN C 118 17.22 23.23 2.49
N LEU C 119 17.05 22.12 1.77
CA LEU C 119 18.08 21.53 0.94
C LEU C 119 18.48 22.46 -0.20
N THR C 120 17.49 22.98 -0.91
CA THR C 120 17.70 23.89 -2.03
C THR C 120 18.15 25.28 -1.55
N GLN C 121 17.76 25.63 -0.32
CA GLN C 121 18.21 26.88 0.31
C GLN C 121 19.70 26.83 0.63
N SER C 122 20.09 25.83 1.44
CA SER C 122 21.48 25.64 1.86
C SER C 122 22.40 25.28 0.70
N GLY C 123 21.82 24.67 -0.34
CA GLY C 123 22.55 24.36 -1.58
C GLY C 123 23.04 25.62 -2.29
N VAL C 124 22.18 26.63 -2.34
CA VAL C 124 22.52 27.93 -2.92
C VAL C 124 23.59 28.62 -2.06
N VAL C 125 23.38 28.62 -0.74
CA VAL C 125 24.33 29.24 0.20
C VAL C 125 25.74 28.70 -0.02
N VAL C 126 25.85 27.38 -0.14
CA VAL C 126 27.13 26.71 -0.44
C VAL C 126 27.67 27.15 -1.81
N LEU C 127 26.79 27.23 -2.79
CA LEU C 127 27.15 27.60 -4.15
C LEU C 127 27.63 29.05 -4.24
N ILE C 128 27.04 29.92 -3.43
CA ILE C 128 27.39 31.34 -3.39
C ILE C 128 28.70 31.57 -2.63
N LEU C 129 28.81 30.96 -1.45
CA LEU C 129 30.04 31.04 -0.65
C LEU C 129 31.27 30.62 -1.43
N THR C 130 31.10 29.63 -2.31
CA THR C 130 32.17 29.13 -3.18
C THR C 130 32.73 30.23 -4.08
N VAL C 131 31.85 30.84 -4.88
CA VAL C 131 32.24 31.88 -5.84
C VAL C 131 32.89 33.08 -5.13
N LEU C 132 32.40 33.41 -3.94
CA LEU C 132 32.94 34.51 -3.14
C LEU C 132 34.32 34.20 -2.54
N SER C 133 34.46 33.03 -1.93
CA SER C 133 35.72 32.63 -1.30
C SER C 133 36.80 32.31 -2.32
N SER C 134 36.39 31.82 -3.49
CA SER C 134 37.34 31.46 -4.55
C SER C 134 37.93 32.69 -5.26
N VAL C 135 37.10 33.72 -5.44
CA VAL C 135 37.57 35.00 -5.96
C VAL C 135 38.39 35.73 -4.89
N GLY C 136 37.92 35.63 -3.64
CA GLY C 136 38.58 36.26 -2.49
C GLY C 136 39.96 35.73 -2.15
N LEU C 137 40.18 34.43 -2.40
CA LEU C 137 41.48 33.80 -2.11
C LEU C 137 42.47 33.95 -3.26
N ALA C 138 41.94 34.01 -4.49
CA ALA C 138 42.77 34.23 -5.67
C ALA C 138 43.35 35.64 -5.70
N ALA C 139 42.65 36.57 -5.04
CA ALA C 139 43.09 37.96 -4.94
C ALA C 139 44.17 38.18 -3.87
N MET C 140 44.50 37.11 -3.14
CA MET C 140 45.54 37.15 -2.12
C MET C 140 46.91 36.82 -2.69
N SER D 2 30.60 -9.64 18.86
CA SER D 2 29.63 -8.54 19.14
C SER D 2 30.25 -7.16 18.87
N SER D 3 30.96 -7.05 17.75
CA SER D 3 31.66 -5.82 17.37
C SER D 3 30.83 -4.92 16.44
N LYS D 4 31.12 -3.62 16.47
CA LYS D 4 30.49 -2.67 15.56
C LYS D 4 31.53 -1.82 14.80
N ALA D 5 32.12 -2.44 13.78
CA ALA D 5 33.22 -1.83 13.03
C ALA D 5 32.75 -0.83 11.97
N ALA D 6 31.56 -1.03 11.44
CA ALA D 6 31.00 -0.16 10.40
C ALA D 6 30.56 1.20 10.97
N SER D 7 30.00 1.17 12.19
CA SER D 7 29.55 2.38 12.86
C SER D 7 30.73 3.24 13.31
N LEU D 8 31.77 2.60 13.84
CA LEU D 8 32.98 3.30 14.29
C LEU D 8 33.74 3.93 13.13
N HIS D 9 33.75 3.27 11.98
CA HIS D 9 34.40 3.78 10.78
C HIS D 9 33.68 5.02 10.26
N TRP D 10 32.36 5.01 10.30
CA TRP D 10 31.56 6.16 9.93
C TRP D 10 31.82 7.33 10.87
N THR D 11 31.88 7.04 12.17
CA THR D 11 32.17 8.05 13.19
C THR D 11 33.56 8.64 12.98
N GLY D 12 34.53 7.76 12.72
CA GLY D 12 35.91 8.17 12.46
C GLY D 12 36.04 9.11 11.28
N GLU D 13 35.22 8.88 10.25
CA GLU D 13 35.21 9.73 9.05
C GLU D 13 34.75 11.16 9.35
N ARG D 14 33.74 11.29 10.21
CA ARG D 14 33.18 12.60 10.55
C ARG D 14 34.07 13.36 11.54
N VAL D 15 34.88 12.61 12.29
CA VAL D 15 35.83 13.20 13.23
C VAL D 15 37.00 13.82 12.47
N VAL D 16 37.55 13.08 11.50
CA VAL D 16 38.65 13.60 10.68
C VAL D 16 38.20 14.71 9.74
N SER D 17 36.90 14.72 9.41
CA SER D 17 36.31 15.77 8.59
C SER D 17 36.32 17.10 9.34
N VAL D 18 35.86 17.08 10.59
CA VAL D 18 35.87 18.29 11.43
C VAL D 18 37.29 18.68 11.86
N LEU D 19 38.18 17.69 11.90
CA LEU D 19 39.59 17.94 12.20
C LEU D 19 40.27 18.65 11.02
N LEU D 20 39.97 18.20 9.81
CA LEU D 20 40.51 18.81 8.60
C LEU D 20 39.93 20.21 8.36
N LEU D 21 38.66 20.38 8.73
CA LEU D 21 37.98 21.68 8.65
C LEU D 21 38.60 22.68 9.61
N GLY D 22 38.98 22.20 10.80
CA GLY D 22 39.63 23.04 11.80
C GLY D 22 41.07 23.37 11.47
N LEU D 23 41.76 22.45 10.78
CA LEU D 23 43.18 22.60 10.48
C LEU D 23 43.50 23.62 9.39
N LEU D 24 42.59 23.80 8.44
CA LEU D 24 42.82 24.73 7.33
C LEU D 24 43.00 26.19 7.75
N PRO D 25 42.08 26.73 8.60
CA PRO D 25 42.31 28.08 9.11
C PRO D 25 43.41 28.14 10.18
N ALA D 26 43.64 27.01 10.85
CA ALA D 26 44.71 26.89 11.85
C ALA D 26 46.09 26.95 11.21
N ALA D 27 46.19 26.42 9.99
CA ALA D 27 47.43 26.47 9.22
C ALA D 27 47.73 27.89 8.73
N TYR D 28 46.69 28.61 8.33
CA TYR D 28 46.81 30.00 7.90
C TYR D 28 47.19 30.91 9.07
N LEU D 29 46.65 30.63 10.26
CA LEU D 29 46.92 31.42 11.45
C LEU D 29 48.26 31.06 12.11
N ASN D 30 48.52 29.77 12.26
CA ASN D 30 49.77 29.29 12.86
C ASN D 30 50.50 28.31 11.93
N PRO D 31 51.27 28.85 10.95
CA PRO D 31 52.01 28.00 10.02
C PRO D 31 53.35 27.57 10.59
N CYS D 32 53.52 26.25 10.77
CA CYS D 32 54.74 25.69 11.34
C CYS D 32 54.95 24.27 10.87
N SER D 33 56.05 23.67 11.31
CA SER D 33 56.36 22.26 11.02
C SER D 33 55.35 21.32 11.71
N ALA D 34 54.93 21.69 12.92
CA ALA D 34 53.97 20.90 13.70
C ALA D 34 52.59 20.86 13.06
N MET D 35 52.23 21.92 12.35
CA MET D 35 50.96 22.00 11.63
C MET D 35 51.06 21.28 10.28
N ASP D 36 52.27 21.15 9.76
CA ASP D 36 52.52 20.50 8.48
C ASP D 36 52.24 19.00 8.52
N TYR D 37 52.74 18.33 9.56
CA TYR D 37 52.55 16.89 9.70
C TYR D 37 51.11 16.49 10.00
N SER D 38 50.46 17.27 10.87
CA SER D 38 49.05 17.04 11.20
C SER D 38 48.14 17.30 10.01
N LEU D 39 48.57 18.21 9.13
CA LEU D 39 47.87 18.47 7.88
C LEU D 39 48.16 17.36 6.88
N ALA D 40 49.37 16.78 6.95
CA ALA D 40 49.73 15.65 6.11
C ALA D 40 49.02 14.38 6.55
N ALA D 41 48.73 14.28 7.85
CA ALA D 41 48.03 13.14 8.42
C ALA D 41 46.54 13.16 8.10
N ALA D 42 45.90 14.30 8.36
CA ALA D 42 44.46 14.47 8.14
C ALA D 42 44.10 14.47 6.65
N LEU D 43 45.00 15.03 5.84
CA LEU D 43 44.77 15.18 4.40
C LEU D 43 44.77 13.83 3.68
N THR D 44 45.70 12.96 4.05
CA THR D 44 45.82 11.63 3.46
C THR D 44 44.74 10.67 3.97
N LEU D 45 44.44 10.76 5.26
CA LEU D 45 43.49 9.86 5.92
C LEU D 45 42.08 10.04 5.36
N HIS D 46 41.59 11.28 5.42
CA HIS D 46 40.25 11.62 4.94
C HIS D 46 40.06 11.24 3.47
N GLY D 47 41.09 11.51 2.67
CA GLY D 47 41.10 11.15 1.24
C GLY D 47 41.09 9.66 1.01
N HIS D 48 41.88 8.93 1.81
CA HIS D 48 41.95 7.47 1.71
C HIS D 48 40.61 6.80 2.04
N TRP D 49 39.92 7.33 3.04
CA TRP D 49 38.59 6.85 3.39
C TRP D 49 37.54 7.37 2.41
N GLY D 50 37.85 8.49 1.77
CA GLY D 50 36.98 9.08 0.76
C GLY D 50 36.84 8.20 -0.47
N ILE D 51 37.98 7.94 -1.13
CA ILE D 51 38.02 7.06 -2.30
C ILE D 51 37.55 5.65 -1.92
N GLY D 52 37.83 5.25 -0.68
CA GLY D 52 37.36 3.97 -0.14
C GLY D 52 35.87 3.75 -0.30
N GLN D 53 35.11 4.84 -0.21
CA GLN D 53 33.66 4.83 -0.41
C GLN D 53 33.32 4.69 -1.89
N VAL D 54 34.04 5.43 -2.74
CA VAL D 54 33.87 5.40 -4.19
C VAL D 54 34.13 3.98 -4.71
N VAL D 55 35.16 3.35 -4.17
CA VAL D 55 35.52 1.97 -4.53
C VAL D 55 34.39 1.00 -4.16
N THR D 56 33.90 1.11 -2.93
CA THR D 56 32.82 0.23 -2.45
C THR D 56 31.50 0.45 -3.17
N ASP D 57 31.34 1.64 -3.77
CA ASP D 57 30.12 1.98 -4.50
C ASP D 57 30.07 1.40 -5.90
N TYR D 58 31.07 1.74 -6.72
CA TYR D 58 31.05 1.40 -8.15
C TYR D 58 31.73 0.07 -8.49
N VAL D 59 32.86 -0.21 -7.84
CA VAL D 59 33.62 -1.42 -8.13
C VAL D 59 32.87 -2.67 -7.67
N ARG D 60 32.39 -3.44 -8.65
CA ARG D 60 31.61 -4.65 -8.39
C ARG D 60 32.46 -5.88 -8.67
N GLY D 61 32.62 -6.73 -7.64
CA GLY D 61 33.39 -7.96 -7.78
C GLY D 61 34.22 -8.32 -6.57
N ASP D 62 34.56 -9.59 -6.46
CA ASP D 62 35.39 -10.11 -5.36
C ASP D 62 36.88 -9.95 -5.69
N ALA D 63 37.24 -10.21 -6.94
CA ALA D 63 38.62 -10.11 -7.42
C ALA D 63 39.05 -8.66 -7.66
N LEU D 64 38.10 -7.82 -8.04
CA LEU D 64 38.38 -6.42 -8.36
C LEU D 64 38.52 -5.54 -7.12
N GLN D 65 37.62 -5.70 -6.15
CA GLN D 65 37.66 -4.93 -4.91
C GLN D 65 38.86 -5.29 -4.04
N LYS D 66 39.32 -6.54 -4.15
CA LYS D 66 40.53 -7.00 -3.49
C LYS D 66 41.74 -6.21 -3.99
N ALA D 67 41.78 -6.01 -5.31
CA ALA D 67 42.89 -5.30 -5.96
C ALA D 67 42.78 -3.79 -5.82
N ALA D 68 41.55 -3.27 -5.85
CA ALA D 68 41.30 -1.83 -5.74
C ALA D 68 41.65 -1.29 -4.35
N LYS D 69 41.26 -2.03 -3.31
CA LYS D 69 41.55 -1.64 -1.92
C LYS D 69 43.03 -1.72 -1.58
N ALA D 70 43.74 -2.62 -2.27
CA ALA D 70 45.19 -2.74 -2.13
C ALA D 70 45.91 -1.60 -2.86
N GLY D 71 45.51 -1.38 -4.12
CA GLY D 71 46.08 -0.30 -4.94
C GLY D 71 45.84 1.09 -4.38
N LEU D 72 44.69 1.27 -3.72
CA LEU D 72 44.37 2.52 -3.03
C LEU D 72 45.25 2.70 -1.79
N LEU D 73 45.47 1.60 -1.06
CA LEU D 73 46.31 1.61 0.14
C LEU D 73 47.76 1.92 -0.20
N ALA D 74 48.24 1.37 -1.31
CA ALA D 74 49.59 1.63 -1.81
C ALA D 74 49.77 3.11 -2.15
N LEU D 75 48.74 3.68 -2.77
CA LEU D 75 48.75 5.09 -3.15
C LEU D 75 48.73 5.99 -1.91
N SER D 76 47.85 5.66 -0.96
CA SER D 76 47.69 6.41 0.28
C SER D 76 48.94 6.36 1.17
N ALA D 77 49.62 5.22 1.16
CA ALA D 77 50.87 5.05 1.89
C ALA D 77 51.98 5.90 1.26
N PHE D 78 52.07 5.87 -0.07
CA PHE D 78 53.04 6.67 -0.81
C PHE D 78 52.76 8.17 -0.72
N THR D 79 51.49 8.52 -0.64
CA THR D 79 51.07 9.93 -0.50
C THR D 79 51.49 10.48 0.85
N PHE D 80 51.26 9.70 1.92
CA PHE D 80 51.64 10.13 3.27
C PHE D 80 53.17 10.20 3.43
N ALA D 81 53.86 9.23 2.86
CA ALA D 81 55.33 9.21 2.87
C ALA D 81 55.92 10.38 2.06
N GLY D 82 55.27 10.70 0.94
CA GLY D 82 55.67 11.81 0.08
C GLY D 82 55.55 13.16 0.75
N LEU D 83 54.48 13.33 1.53
CA LEU D 83 54.24 14.58 2.26
C LEU D 83 55.19 14.72 3.46
N CYS D 84 55.40 13.62 4.18
CA CYS D 84 56.30 13.60 5.33
C CYS D 84 57.73 13.90 4.94
N TYR D 85 58.16 13.36 3.79
CA TYR D 85 59.47 13.66 3.22
C TYR D 85 59.58 15.14 2.87
N PHE D 86 58.49 15.69 2.33
CA PHE D 86 58.43 17.10 1.95
C PHE D 86 58.43 18.02 3.18
N ASN D 87 57.82 17.55 4.26
CA ASN D 87 57.80 18.31 5.52
C ASN D 87 59.14 18.31 6.23
N TYR D 88 59.91 17.24 6.04
CA TYR D 88 61.18 17.04 6.72
C TYR D 88 62.36 17.67 5.95
N HIS D 89 62.49 17.29 4.68
CA HIS D 89 63.64 17.68 3.87
C HIS D 89 63.43 18.95 3.04
N ASP D 90 62.17 19.31 2.80
CA ASP D 90 61.85 20.51 2.04
C ASP D 90 61.12 21.53 2.91
N VAL D 91 60.57 22.57 2.28
CA VAL D 91 59.96 23.70 2.98
C VAL D 91 58.71 23.36 3.80
N GLY D 92 58.04 22.26 3.46
CA GLY D 92 56.81 21.85 4.14
C GLY D 92 55.58 22.40 3.45
N ILE D 93 54.42 21.82 3.75
CA ILE D 93 53.16 22.18 3.08
C ILE D 93 52.81 23.67 3.23
N CYS D 94 52.82 24.17 4.46
CA CYS D 94 52.46 25.55 4.76
C CYS D 94 53.29 26.57 3.98
N LYS D 95 54.61 26.38 3.99
CA LYS D 95 55.54 27.29 3.32
C LYS D 95 55.44 27.20 1.79
N ALA D 96 55.15 25.99 1.29
CA ALA D 96 55.03 25.74 -0.15
C ALA D 96 53.84 26.46 -0.77
N VAL D 97 52.71 26.45 -0.06
CA VAL D 97 51.50 27.15 -0.50
C VAL D 97 51.74 28.67 -0.45
N ALA D 98 52.38 29.13 0.61
CA ALA D 98 52.70 30.54 0.80
C ALA D 98 53.59 31.10 -0.31
N MET D 99 54.60 30.31 -0.72
CA MET D 99 55.51 30.68 -1.80
C MET D 99 54.80 30.68 -3.15
N LEU D 100 53.98 29.66 -3.36
CA LEU D 100 53.25 29.48 -4.63
C LEU D 100 52.20 30.57 -4.86
N TRP D 101 51.70 31.15 -3.77
CA TRP D 101 50.58 32.09 -3.85
C TRP D 101 50.98 33.49 -4.28
N LYS D 102 51.97 34.08 -3.60
CA LYS D 102 52.51 35.37 -4.00
C LYS D 102 53.51 35.20 -5.15
N LEU D 103 52.99 34.75 -6.28
CA LEU D 103 53.81 34.42 -7.46
C LEU D 103 53.30 35.16 -8.70
#